data_1ZHS
#
_entry.id   1ZHS
#
_cell.length_a   47.783
_cell.length_b   73.740
_cell.length_c   78.863
_cell.angle_alpha   90.45
_cell.angle_beta   98.45
_cell.angle_gamma   108.91
#
_symmetry.space_group_name_H-M   'P 1'
#
loop_
_entity.id
_entity.type
_entity.pdbx_description
1 polymer 'mannan-binding lectin'
2 branched alpha-D-mannopyranose-(1-3)-[alpha-D-mannopyranose-(1-6)]beta-D-mannopyranose-(1-4)-2-acetamido-2-deoxy-beta-D-glucopyranose-(1-4)-2-acetamido-2-deoxy-beta-D-glucopyranose
3 non-polymer 1,2-ETHANEDIOL
4 non-polymer 'PHOSPHATE ION'
5 water water
#
_entity_poly.entity_id   1
_entity_poly.type   'polypeptide(L)'
_entity_poly.pdbx_seq_one_letter_code
;ASYKVNIPAGPLWSNAEAQQVGPKIAAAHQGNFTGQWTTVVESAMSVVEVELQVENTGIHEFKTDVLAGPLWSNDEAQKL
GPQIAASYGAEFTGQWRTIVEGVMSVIQIKYTF
;
_entity_poly.pdbx_strand_id   A,B,C,D,E,F,G,H
#
loop_
_chem_comp.id
_chem_comp.type
_chem_comp.name
_chem_comp.formula
BMA D-saccharide, beta linking beta-D-mannopyranose 'C6 H12 O6'
EDO non-polymer 1,2-ETHANEDIOL 'C2 H6 O2'
MAN D-saccharide, alpha linking alpha-D-mannopyranose 'C6 H12 O6'
NAG D-saccharide, beta linking 2-acetamido-2-deoxy-beta-D-glucopyranose 'C8 H15 N O6'
PO4 non-polymer 'PHOSPHATE ION' 'O4 P -3'
#
# COMPACT_ATOMS: atom_id res chain seq x y z
N ALA A 1 34.38 -10.19 -7.16
CA ALA A 1 33.97 -9.38 -5.98
C ALA A 1 32.44 -9.23 -5.95
N SER A 2 31.89 -9.04 -4.76
CA SER A 2 30.45 -8.89 -4.63
C SER A 2 30.06 -7.77 -3.67
N TYR A 3 28.82 -7.33 -3.77
CA TYR A 3 28.30 -6.27 -2.93
C TYR A 3 26.81 -6.50 -2.75
N LYS A 4 26.20 -5.79 -1.80
CA LYS A 4 24.78 -5.98 -1.54
C LYS A 4 23.95 -4.71 -1.66
N VAL A 5 22.72 -4.86 -2.13
CA VAL A 5 21.77 -3.77 -2.27
C VAL A 5 20.37 -4.36 -2.12
N ASN A 6 19.39 -3.53 -1.75
CA ASN A 6 18.01 -3.98 -1.63
C ASN A 6 17.33 -3.80 -2.96
N ILE A 7 16.55 -4.79 -3.38
CA ILE A 7 15.85 -4.73 -4.65
C ILE A 7 14.35 -4.83 -4.39
N PRO A 8 13.54 -3.99 -5.08
CA PRO A 8 12.08 -4.03 -4.86
C PRO A 8 11.53 -5.41 -5.18
N ALA A 9 10.43 -5.77 -4.52
CA ALA A 9 9.82 -7.07 -4.73
C ALA A 9 8.30 -6.97 -4.76
N GLY A 10 7.80 -5.76 -4.59
CA GLY A 10 6.37 -5.56 -4.52
C GLY A 10 6.05 -5.91 -3.08
N PRO A 11 4.79 -5.85 -2.65
CA PRO A 11 4.52 -6.20 -1.26
C PRO A 11 4.73 -7.69 -0.95
N LEU A 12 5.41 -7.97 0.15
CA LEU A 12 5.63 -9.34 0.61
C LEU A 12 4.90 -9.38 1.95
N TRP A 13 3.96 -10.31 2.07
CA TRP A 13 3.10 -10.40 3.25
C TRP A 13 3.55 -11.20 4.47
N SER A 14 4.68 -11.88 4.35
CA SER A 14 5.20 -12.67 5.46
C SER A 14 6.61 -13.09 5.15
N ASN A 15 7.37 -13.44 6.19
CA ASN A 15 8.73 -13.89 6.00
C ASN A 15 8.74 -15.16 5.15
N ALA A 16 7.74 -16.02 5.34
CA ALA A 16 7.66 -17.25 4.58
C ALA A 16 7.59 -16.95 3.09
N GLU A 17 6.79 -15.97 2.71
CA GLU A 17 6.67 -15.61 1.31
C GLU A 17 8.00 -15.03 0.82
N ALA A 18 8.55 -14.11 1.61
CA ALA A 18 9.80 -13.45 1.25
C ALA A 18 10.96 -14.42 1.04
N GLN A 19 11.06 -15.43 1.91
CA GLN A 19 12.15 -16.38 1.78
C GLN A 19 12.04 -17.20 0.50
N GLN A 20 10.81 -17.36 0.00
CA GLN A 20 10.55 -18.11 -1.21
C GLN A 20 10.65 -17.26 -2.48
N VAL A 21 10.26 -16.00 -2.37
CA VAL A 21 10.31 -15.09 -3.51
C VAL A 21 11.66 -14.42 -3.69
N GLY A 22 12.32 -14.11 -2.58
CA GLY A 22 13.63 -13.46 -2.63
C GLY A 22 14.60 -14.08 -3.60
N PRO A 23 14.78 -15.41 -3.57
CA PRO A 23 15.70 -16.10 -4.47
C PRO A 23 15.36 -15.90 -5.95
N LYS A 24 14.06 -15.79 -6.26
CA LYS A 24 13.61 -15.60 -7.64
C LYS A 24 13.93 -14.19 -8.11
N ILE A 25 13.78 -13.21 -7.23
CA ILE A 25 14.08 -11.84 -7.57
C ILE A 25 15.59 -11.71 -7.76
N ALA A 26 16.34 -12.39 -6.90
CA ALA A 26 17.80 -12.38 -6.96
C ALA A 26 18.25 -12.99 -8.29
N ALA A 27 17.66 -14.11 -8.65
CA ALA A 27 18.03 -14.79 -9.90
C ALA A 27 17.78 -13.88 -11.09
N ALA A 28 16.69 -13.13 -11.06
CA ALA A 28 16.34 -12.22 -12.15
C ALA A 28 17.38 -11.12 -12.32
N HIS A 29 18.10 -10.82 -11.24
CA HIS A 29 19.11 -9.79 -11.25
C HIS A 29 20.51 -10.37 -11.13
N GLN A 30 20.63 -11.65 -11.49
CA GLN A 30 21.91 -12.34 -11.45
C GLN A 30 22.63 -12.25 -10.10
N GLY A 31 21.86 -12.31 -9.02
CA GLY A 31 22.46 -12.23 -7.69
C GLY A 31 21.99 -13.36 -6.78
N ASN A 32 22.34 -13.26 -5.51
CA ASN A 32 21.96 -14.27 -4.53
C ASN A 32 21.23 -13.61 -3.37
N PHE A 33 20.03 -14.10 -3.07
CA PHE A 33 19.24 -13.58 -1.97
C PHE A 33 19.97 -13.91 -0.67
N THR A 34 20.16 -12.90 0.17
CA THR A 34 20.86 -13.08 1.44
C THR A 34 19.98 -13.57 2.57
N GLY A 35 18.67 -13.48 2.40
CA GLY A 35 17.75 -13.90 3.44
C GLY A 35 17.18 -12.70 4.18
N GLN A 36 17.85 -11.55 4.04
CA GLN A 36 17.41 -10.33 4.70
C GLN A 36 16.43 -9.58 3.80
N TRP A 37 15.37 -9.04 4.40
CA TRP A 37 14.37 -8.30 3.63
C TRP A 37 13.51 -7.50 4.60
N THR A 38 12.74 -6.57 4.07
CA THR A 38 11.86 -5.78 4.92
C THR A 38 10.81 -5.03 4.12
N THR A 39 9.67 -4.79 4.75
CA THR A 39 8.63 -4.03 4.10
C THR A 39 9.02 -2.58 4.32
N VAL A 40 8.96 -1.78 3.26
CA VAL A 40 9.34 -0.37 3.36
C VAL A 40 8.14 0.57 3.32
N VAL A 41 7.02 0.09 2.78
CA VAL A 41 5.79 0.87 2.73
C VAL A 41 4.70 -0.11 3.12
N GLU A 42 4.07 0.12 4.26
CA GLU A 42 3.04 -0.80 4.76
C GLU A 42 2.02 -1.22 3.70
N SER A 43 1.84 -2.53 3.56
CA SER A 43 0.91 -3.12 2.60
C SER A 43 1.07 -2.65 1.16
N ALA A 44 2.25 -2.16 0.79
CA ALA A 44 2.43 -1.68 -0.58
C ALA A 44 3.77 -2.04 -1.21
N MET A 45 4.82 -2.10 -0.42
CA MET A 45 6.13 -2.41 -0.98
C MET A 45 7.11 -3.00 0.02
N SER A 46 7.86 -3.99 -0.44
CA SER A 46 8.87 -4.66 0.36
C SER A 46 10.13 -4.78 -0.49
N VAL A 47 11.28 -4.91 0.16
CA VAL A 47 12.53 -5.06 -0.58
C VAL A 47 13.28 -6.29 -0.08
N VAL A 48 14.11 -6.86 -0.94
CA VAL A 48 14.90 -8.03 -0.57
C VAL A 48 16.38 -7.71 -0.79
N GLU A 49 17.23 -8.15 0.13
CA GLU A 49 18.66 -7.89 0.01
C GLU A 49 19.27 -8.92 -0.94
N VAL A 50 19.95 -8.42 -1.96
CA VAL A 50 20.57 -9.28 -2.96
C VAL A 50 22.05 -9.01 -3.12
N GLU A 51 22.83 -10.08 -3.12
CA GLU A 51 24.27 -9.99 -3.29
C GLU A 51 24.55 -10.07 -4.78
N LEU A 52 25.16 -9.02 -5.32
CA LEU A 52 25.47 -8.94 -6.74
C LEU A 52 26.96 -9.05 -6.99
N GLN A 53 27.32 -9.43 -8.22
CA GLN A 53 28.71 -9.55 -8.62
C GLN A 53 29.14 -8.25 -9.31
N VAL A 54 30.36 -7.81 -9.08
CA VAL A 54 30.84 -6.59 -9.71
C VAL A 54 30.86 -6.82 -11.22
N GLU A 55 31.27 -8.02 -11.61
CA GLU A 55 31.33 -8.39 -13.02
C GLU A 55 30.59 -9.69 -13.28
N ASN A 56 29.60 -9.62 -14.16
CA ASN A 56 28.83 -10.82 -14.50
C ASN A 56 29.52 -11.52 -15.66
N THR A 57 29.77 -12.81 -15.51
CA THR A 57 30.44 -13.58 -16.54
C THR A 57 29.59 -14.73 -17.06
N GLY A 58 30.03 -15.34 -18.15
CA GLY A 58 29.29 -16.45 -18.73
C GLY A 58 29.48 -16.50 -20.22
N ILE A 59 28.94 -17.52 -20.85
CA ILE A 59 29.08 -17.69 -22.29
C ILE A 59 27.86 -17.22 -23.06
N HIS A 60 26.80 -16.84 -22.36
CA HIS A 60 25.59 -16.37 -23.02
C HIS A 60 25.43 -14.86 -22.90
N GLU A 61 24.62 -14.29 -23.80
CA GLU A 61 24.36 -12.86 -23.80
C GLU A 61 22.95 -12.58 -24.31
N PHE A 62 22.35 -11.51 -23.81
CA PHE A 62 21.01 -11.09 -24.22
C PHE A 62 21.02 -9.56 -24.27
N LYS A 63 20.60 -9.01 -25.40
CA LYS A 63 20.55 -7.57 -25.57
C LYS A 63 19.12 -7.09 -25.51
N THR A 64 18.92 -5.91 -24.93
CA THR A 64 17.60 -5.32 -24.81
C THR A 64 17.70 -3.83 -24.50
N ASP A 65 16.58 -3.12 -24.57
CA ASP A 65 16.56 -1.69 -24.27
C ASP A 65 15.90 -1.46 -22.92
N VAL A 66 16.48 -0.54 -22.15
CA VAL A 66 15.93 -0.19 -20.84
C VAL A 66 15.91 1.33 -20.71
N LEU A 67 15.07 1.84 -19.80
CA LEU A 67 14.98 3.29 -19.60
C LEU A 67 16.33 3.85 -19.20
N ALA A 68 16.66 5.03 -19.73
CA ALA A 68 17.94 5.66 -19.42
C ALA A 68 17.72 7.09 -18.98
N GLY A 69 16.44 7.46 -18.84
CA GLY A 69 16.11 8.83 -18.48
C GLY A 69 16.26 9.63 -19.75
N PRO A 70 16.02 10.95 -19.72
CA PRO A 70 16.17 11.71 -20.96
C PRO A 70 17.64 11.95 -21.28
N LEU A 71 18.06 11.59 -22.48
CA LEU A 71 19.44 11.83 -22.94
C LEU A 71 19.29 12.83 -24.07
N TRP A 72 19.95 13.98 -23.93
CA TRP A 72 19.83 15.06 -24.89
C TRP A 72 20.73 15.08 -26.11
N SER A 73 21.69 14.15 -26.19
CA SER A 73 22.58 14.11 -27.33
C SER A 73 23.36 12.80 -27.33
N ASN A 74 23.93 12.46 -28.48
CA ASN A 74 24.70 11.24 -28.56
C ASN A 74 25.93 11.38 -27.67
N ASP A 75 26.48 12.59 -27.61
CA ASP A 75 27.66 12.82 -26.76
C ASP A 75 27.34 12.45 -25.33
N GLU A 76 26.20 12.94 -24.83
CA GLU A 76 25.83 12.64 -23.46
C GLU A 76 25.53 11.16 -23.29
N ALA A 77 24.87 10.57 -24.28
CA ALA A 77 24.53 9.15 -24.20
C ALA A 77 25.74 8.24 -24.16
N GLN A 78 26.77 8.55 -24.95
CA GLN A 78 27.98 7.73 -24.97
C GLN A 78 28.75 7.87 -23.65
N LYS A 79 28.65 9.04 -23.03
CA LYS A 79 29.34 9.28 -21.77
C LYS A 79 28.66 8.59 -20.59
N LEU A 80 27.33 8.73 -20.51
CA LEU A 80 26.56 8.15 -19.42
C LEU A 80 26.11 6.69 -19.61
N GLY A 81 26.01 6.26 -20.86
CA GLY A 81 25.58 4.89 -21.14
C GLY A 81 26.25 3.80 -20.33
N PRO A 82 27.59 3.78 -20.25
CA PRO A 82 28.27 2.74 -19.48
C PRO A 82 27.83 2.69 -18.01
N GLN A 83 27.64 3.85 -17.41
CA GLN A 83 27.23 3.90 -16.02
C GLN A 83 25.75 3.52 -15.84
N ILE A 84 24.91 3.96 -16.76
CA ILE A 84 23.49 3.61 -16.68
C ILE A 84 23.36 2.11 -16.88
N ALA A 85 24.13 1.54 -17.81
CA ALA A 85 24.08 0.10 -18.05
C ALA A 85 24.54 -0.65 -16.79
N ALA A 86 25.57 -0.12 -16.13
CA ALA A 86 26.07 -0.72 -14.90
C ALA A 86 24.99 -0.74 -13.82
N SER A 87 24.14 0.28 -13.81
CA SER A 87 23.07 0.34 -12.81
C SER A 87 22.05 -0.78 -13.03
N TYR A 88 22.12 -1.43 -14.18
CA TYR A 88 21.24 -2.55 -14.51
C TYR A 88 22.05 -3.85 -14.46
N GLY A 89 23.31 -3.74 -14.06
CA GLY A 89 24.17 -4.92 -13.98
C GLY A 89 24.46 -5.45 -15.37
N ALA A 90 24.66 -4.55 -16.32
CA ALA A 90 24.92 -4.93 -17.70
C ALA A 90 25.92 -3.98 -18.37
N GLU A 91 26.18 -4.21 -19.64
CA GLU A 91 27.09 -3.36 -20.39
C GLU A 91 26.31 -2.55 -21.43
N PHE A 92 26.84 -1.39 -21.78
CA PHE A 92 26.23 -0.53 -22.78
C PHE A 92 26.79 -0.92 -24.15
N THR A 93 25.93 -1.10 -25.14
CA THR A 93 26.40 -1.48 -26.49
C THR A 93 26.78 -0.28 -27.35
N GLY A 94 26.30 0.90 -26.96
CA GLY A 94 26.60 2.10 -27.72
C GLY A 94 25.35 2.56 -28.45
N GLN A 95 24.39 1.64 -28.63
CA GLN A 95 23.15 1.96 -29.33
C GLN A 95 22.12 2.51 -28.32
N TRP A 96 21.34 3.50 -28.75
CA TRP A 96 20.35 4.09 -27.87
C TRP A 96 19.40 4.97 -28.69
N ARG A 97 18.28 5.36 -28.10
CA ARG A 97 17.35 6.24 -28.80
C ARG A 97 16.35 6.87 -27.86
N THR A 98 15.87 8.05 -28.22
CA THR A 98 14.87 8.74 -27.42
C THR A 98 13.53 8.17 -27.88
N ILE A 99 12.71 7.71 -26.93
CA ILE A 99 11.42 7.13 -27.26
C ILE A 99 10.28 8.13 -27.13
N VAL A 100 10.49 9.17 -26.32
CA VAL A 100 9.50 10.24 -26.14
C VAL A 100 10.30 11.54 -26.09
N GLU A 101 10.24 12.31 -27.18
CA GLU A 101 10.98 13.57 -27.28
C GLU A 101 10.81 14.43 -26.04
N GLY A 102 11.94 14.89 -25.52
CA GLY A 102 11.94 15.74 -24.34
C GLY A 102 11.60 15.07 -23.02
N VAL A 103 11.30 13.77 -23.06
CA VAL A 103 10.91 13.05 -21.85
C VAL A 103 11.72 11.82 -21.48
N MET A 104 11.95 10.93 -22.43
CA MET A 104 12.64 9.69 -22.10
C MET A 104 13.42 9.08 -23.26
N SER A 105 14.56 8.49 -22.92
CA SER A 105 15.41 7.82 -23.89
C SER A 105 15.70 6.44 -23.30
N VAL A 106 16.19 5.54 -24.14
CA VAL A 106 16.54 4.20 -23.70
C VAL A 106 17.91 3.87 -24.27
N ILE A 107 18.63 3.00 -23.58
CA ILE A 107 19.93 2.56 -24.06
C ILE A 107 19.87 1.06 -24.25
N GLN A 108 20.61 0.55 -25.23
CA GLN A 108 20.63 -0.87 -25.45
C GLN A 108 21.72 -1.43 -24.54
N ILE A 109 21.37 -2.43 -23.74
CA ILE A 109 22.33 -3.05 -22.85
C ILE A 109 22.55 -4.49 -23.23
N LYS A 110 23.66 -5.05 -22.76
CA LYS A 110 23.97 -6.42 -23.05
C LYS A 110 24.22 -7.15 -21.73
N TYR A 111 23.40 -8.15 -21.47
CA TYR A 111 23.56 -8.96 -20.26
C TYR A 111 24.47 -10.13 -20.61
N THR A 112 25.31 -10.52 -19.66
CA THR A 112 26.19 -11.67 -19.86
C THR A 112 25.81 -12.62 -18.73
N PHE A 113 25.50 -13.87 -19.07
CA PHE A 113 25.11 -14.85 -18.07
C PHE A 113 25.50 -16.27 -18.47
N ALA B 1 3.51 6.86 -2.44
CA ALA B 1 4.50 6.68 -1.34
C ALA B 1 5.88 6.44 -1.92
N SER B 2 6.90 6.84 -1.19
CA SER B 2 8.28 6.66 -1.66
C SER B 2 9.09 5.79 -0.71
N TYR B 3 10.12 5.18 -1.26
CA TYR B 3 11.01 4.33 -0.47
C TYR B 3 12.38 4.41 -1.11
N LYS B 4 13.41 4.08 -0.36
CA LYS B 4 14.78 4.15 -0.87
C LYS B 4 15.51 2.83 -0.99
N VAL B 5 16.34 2.73 -2.02
CA VAL B 5 17.18 1.56 -2.22
C VAL B 5 18.49 2.09 -2.81
N ASN B 6 19.57 1.34 -2.64
CA ASN B 6 20.83 1.76 -3.23
C ASN B 6 20.91 1.09 -4.59
N ILE B 7 21.28 1.86 -5.61
CA ILE B 7 21.38 1.34 -6.97
C ILE B 7 22.83 1.40 -7.43
N PRO B 8 23.32 0.31 -8.05
CA PRO B 8 24.71 0.27 -8.54
C PRO B 8 24.94 1.39 -9.55
N ALA B 9 26.14 1.96 -9.54
CA ALA B 9 26.47 3.03 -10.48
C ALA B 9 27.85 2.80 -11.06
N GLY B 10 28.40 1.61 -10.84
CA GLY B 10 29.74 1.32 -11.30
C GLY B 10 30.65 2.07 -10.34
N PRO B 11 31.96 2.07 -10.55
CA PRO B 11 32.82 2.80 -9.61
C PRO B 11 32.68 4.32 -9.71
N LEU B 12 32.61 4.97 -8.55
CA LEU B 12 32.54 6.42 -8.47
C LEU B 12 33.78 6.82 -7.68
N TRP B 13 34.59 7.68 -8.27
CA TRP B 13 35.87 8.06 -7.69
C TRP B 13 35.95 9.29 -6.79
N SER B 14 34.84 9.97 -6.59
CA SER B 14 34.84 11.16 -5.75
C SER B 14 33.40 11.58 -5.53
N ASN B 15 33.16 12.37 -4.49
CA ASN B 15 31.82 12.86 -4.22
C ASN B 15 31.44 13.80 -5.36
N ALA B 16 32.41 14.54 -5.87
CA ALA B 16 32.15 15.49 -6.97
C ALA B 16 31.53 14.76 -8.17
N GLU B 17 32.08 13.60 -8.50
CA GLU B 17 31.56 12.83 -9.64
C GLU B 17 30.21 12.19 -9.28
N ALA B 18 30.12 11.65 -8.08
CA ALA B 18 28.90 10.99 -7.62
C ALA B 18 27.70 11.93 -7.62
N GLN B 19 27.92 13.18 -7.23
CA GLN B 19 26.82 14.14 -7.19
C GLN B 19 26.34 14.46 -8.59
N GLN B 20 27.20 14.26 -9.58
CA GLN B 20 26.83 14.52 -10.97
C GLN B 20 26.23 13.27 -11.60
N VAL B 21 26.71 12.10 -11.21
CA VAL B 21 26.24 10.84 -11.77
C VAL B 21 24.96 10.30 -11.11
N GLY B 22 24.86 10.46 -9.79
CA GLY B 22 23.70 9.97 -9.08
C GLY B 22 22.37 10.37 -9.69
N PRO B 23 22.18 11.65 -10.06
CA PRO B 23 20.91 12.07 -10.66
C PRO B 23 20.60 11.34 -11.97
N LYS B 24 21.64 11.04 -12.75
CA LYS B 24 21.46 10.35 -14.02
C LYS B 24 21.04 8.89 -13.79
N ILE B 25 21.64 8.24 -12.80
CA ILE B 25 21.30 6.86 -12.50
C ILE B 25 19.85 6.84 -11.98
N ALA B 26 19.53 7.80 -11.12
CA ALA B 26 18.19 7.90 -10.56
C ALA B 26 17.14 8.05 -11.66
N ALA B 27 17.39 8.97 -12.59
CA ALA B 27 16.47 9.23 -13.69
C ALA B 27 16.19 7.98 -14.52
N ALA B 28 17.23 7.18 -14.76
CA ALA B 28 17.09 5.96 -15.54
C ALA B 28 16.18 4.97 -14.81
N HIS B 29 16.11 5.09 -13.49
CA HIS B 29 15.29 4.20 -12.69
C HIS B 29 14.04 4.89 -12.13
N GLN B 30 13.63 5.97 -12.77
CA GLN B 30 12.44 6.70 -12.38
C GLN B 30 12.44 7.10 -10.91
N GLY B 31 13.59 7.55 -10.42
CA GLY B 31 13.68 7.97 -9.04
C GLY B 31 14.43 9.28 -8.89
N ASN B 32 14.66 9.69 -7.65
CA ASN B 32 15.40 10.92 -7.36
C ASN B 32 16.60 10.56 -6.50
N PHE B 33 17.77 11.07 -6.86
CA PHE B 33 18.99 10.82 -6.12
C PHE B 33 18.93 11.68 -4.85
N THR B 34 19.20 11.09 -3.70
CA THR B 34 19.13 11.81 -2.43
C THR B 34 20.40 12.54 -2.05
N GLY B 35 21.49 12.21 -2.74
CA GLY B 35 22.78 12.83 -2.45
C GLY B 35 23.67 11.86 -1.71
N GLN B 36 23.08 10.85 -1.10
CA GLN B 36 23.83 9.85 -0.35
C GLN B 36 24.33 8.74 -1.27
N TRP B 37 25.57 8.32 -1.06
CA TRP B 37 26.17 7.27 -1.87
C TRP B 37 27.40 6.74 -1.16
N THR B 38 27.92 5.61 -1.64
CA THR B 38 29.11 5.05 -1.04
C THR B 38 29.72 3.97 -1.93
N THR B 39 31.03 3.82 -1.84
CA THR B 39 31.73 2.79 -2.60
C THR B 39 31.60 1.51 -1.78
N VAL B 40 31.18 0.43 -2.44
CA VAL B 40 30.99 -0.85 -1.75
C VAL B 40 32.09 -1.84 -2.05
N VAL B 41 32.84 -1.60 -3.13
CA VAL B 41 33.98 -2.44 -3.49
C VAL B 41 35.06 -1.47 -3.96
N GLU B 42 36.10 -1.33 -3.15
CA GLU B 42 37.19 -0.41 -3.45
C GLU B 42 37.67 -0.56 -4.89
N SER B 43 37.74 0.56 -5.60
CA SER B 43 38.20 0.63 -6.99
C SER B 43 37.35 -0.17 -7.98
N ALA B 44 36.14 -0.59 -7.59
CA ALA B 44 35.36 -1.38 -8.51
C ALA B 44 33.85 -1.12 -8.59
N MET B 45 33.24 -0.74 -7.47
CA MET B 45 31.80 -0.52 -7.49
C MET B 45 31.34 0.43 -6.42
N SER B 46 30.38 1.27 -6.78
CA SER B 46 29.79 2.24 -5.86
C SER B 46 28.29 2.17 -6.07
N VAL B 47 27.52 2.65 -5.09
CA VAL B 47 26.07 2.65 -5.20
C VAL B 47 25.56 4.04 -4.82
N VAL B 48 24.38 4.39 -5.33
CA VAL B 48 23.77 5.68 -5.05
C VAL B 48 22.37 5.46 -4.49
N GLU B 49 22.01 6.23 -3.47
CA GLU B 49 20.70 6.09 -2.86
C GLU B 49 19.64 6.77 -3.72
N VAL B 50 18.63 5.99 -4.11
CA VAL B 50 17.58 6.52 -4.96
C VAL B 50 16.21 6.35 -4.33
N GLU B 51 15.44 7.43 -4.35
CA GLU B 51 14.08 7.42 -3.80
C GLU B 51 13.19 6.98 -4.95
N LEU B 52 12.45 5.89 -4.75
CA LEU B 52 11.56 5.35 -5.77
C LEU B 52 10.10 5.47 -5.36
N GLN B 53 9.21 5.32 -6.33
CA GLN B 53 7.76 5.39 -6.08
C GLN B 53 7.19 3.98 -6.03
N VAL B 54 6.22 3.76 -5.14
CA VAL B 54 5.59 2.46 -5.05
C VAL B 54 4.92 2.16 -6.40
N GLU B 55 4.29 3.19 -6.96
CA GLU B 55 3.61 3.05 -8.23
C GLU B 55 4.12 4.13 -9.20
N ASN B 56 4.62 3.69 -10.35
CA ASN B 56 5.08 4.63 -11.35
C ASN B 56 3.90 5.00 -12.22
N THR B 57 3.61 6.29 -12.27
CA THR B 57 2.48 6.80 -13.03
C THR B 57 2.94 7.75 -14.14
N GLY B 58 2.04 8.03 -15.08
CA GLY B 58 2.37 8.93 -16.17
C GLY B 58 1.53 8.62 -17.39
N ILE B 59 1.67 9.43 -18.43
CA ILE B 59 0.89 9.25 -19.64
C ILE B 59 1.59 8.43 -20.71
N HIS B 60 2.84 8.03 -20.46
CA HIS B 60 3.60 7.25 -21.43
C HIS B 60 3.94 5.85 -20.92
N GLU B 61 4.24 4.96 -21.84
CA GLU B 61 4.62 3.60 -21.49
C GLU B 61 5.70 3.11 -22.45
N PHE B 62 6.40 2.06 -22.01
CA PHE B 62 7.45 1.46 -22.83
C PHE B 62 7.54 -0.01 -22.45
N LYS B 63 7.43 -0.89 -23.45
CA LYS B 63 7.52 -2.32 -23.20
C LYS B 63 8.86 -2.85 -23.67
N THR B 64 9.40 -3.81 -22.94
CA THR B 64 10.69 -4.40 -23.29
C THR B 64 10.90 -5.70 -22.52
N ASP B 65 11.91 -6.47 -22.90
CA ASP B 65 12.23 -7.73 -22.24
C ASP B 65 13.43 -7.55 -21.32
N VAL B 66 13.39 -8.18 -20.14
CA VAL B 66 14.51 -8.12 -19.19
C VAL B 66 14.70 -9.51 -18.59
N LEU B 67 15.87 -9.76 -18.02
CA LEU B 67 16.15 -11.07 -17.42
C LEU B 67 15.18 -11.39 -16.28
N ALA B 68 14.77 -12.64 -16.20
CA ALA B 68 13.84 -13.06 -15.14
C ALA B 68 14.39 -14.27 -14.40
N GLY B 69 15.61 -14.65 -14.75
CA GLY B 69 16.21 -15.84 -14.15
C GLY B 69 15.53 -16.98 -14.88
N PRO B 70 15.92 -18.24 -14.62
CA PRO B 70 15.24 -19.32 -15.34
C PRO B 70 13.83 -19.53 -14.80
N LEU B 71 12.85 -19.60 -15.70
CA LEU B 71 11.45 -19.84 -15.32
C LEU B 71 11.14 -21.20 -15.90
N TRP B 72 10.67 -22.12 -15.06
CA TRP B 72 10.42 -23.50 -15.48
C TRP B 72 9.06 -23.88 -16.06
N SER B 73 8.11 -22.95 -16.09
CA SER B 73 6.80 -23.25 -16.65
C SER B 73 5.97 -21.98 -16.70
N ASN B 74 4.92 -21.99 -17.52
CA ASN B 74 4.06 -20.83 -17.63
C ASN B 74 3.37 -20.58 -16.30
N ASP B 75 3.02 -21.64 -15.59
CA ASP B 75 2.35 -21.48 -14.31
C ASP B 75 3.26 -20.71 -13.36
N GLU B 76 4.54 -21.05 -13.36
CA GLU B 76 5.48 -20.36 -12.48
C GLU B 76 5.74 -18.94 -12.97
N ALA B 77 5.87 -18.78 -14.27
CA ALA B 77 6.14 -17.46 -14.85
C ALA B 77 4.99 -16.49 -14.56
N GLN B 78 3.76 -16.96 -14.68
CA GLN B 78 2.61 -16.11 -14.42
C GLN B 78 2.51 -15.74 -12.94
N LYS B 79 3.00 -16.63 -12.08
CA LYS B 79 2.98 -16.40 -10.64
C LYS B 79 4.08 -15.43 -10.20
N LEU B 80 5.28 -15.61 -10.73
CA LEU B 80 6.42 -14.78 -10.36
C LEU B 80 6.58 -13.50 -11.20
N GLY B 81 6.07 -13.53 -12.42
CA GLY B 81 6.19 -12.37 -13.30
C GLY B 81 5.92 -11.01 -12.70
N PRO B 82 4.77 -10.84 -12.02
CA PRO B 82 4.43 -9.54 -11.41
C PRO B 82 5.49 -9.08 -10.39
N GLN B 83 5.98 -10.00 -9.60
CA GLN B 83 6.97 -9.66 -8.59
C GLN B 83 8.33 -9.36 -9.23
N ILE B 84 8.69 -10.12 -10.27
CA ILE B 84 9.96 -9.87 -10.94
C ILE B 84 9.88 -8.52 -11.65
N ALA B 85 8.73 -8.22 -12.25
CA ALA B 85 8.54 -6.94 -12.93
C ALA B 85 8.64 -5.80 -11.91
N ALA B 86 8.10 -6.04 -10.72
CA ALA B 86 8.15 -5.03 -9.67
C ALA B 86 9.59 -4.73 -9.28
N SER B 87 10.45 -5.74 -9.36
CA SER B 87 11.86 -5.58 -9.00
C SER B 87 12.57 -4.69 -10.01
N TYR B 88 11.91 -4.41 -11.13
CA TYR B 88 12.43 -3.53 -12.17
C TYR B 88 11.64 -2.24 -12.18
N GLY B 89 10.71 -2.10 -11.24
CA GLY B 89 9.90 -0.89 -11.17
C GLY B 89 8.93 -0.82 -12.34
N ALA B 90 8.42 -1.97 -12.74
CA ALA B 90 7.49 -2.03 -13.87
C ALA B 90 6.41 -3.05 -13.65
N GLU B 91 5.53 -3.19 -14.65
CA GLU B 91 4.44 -4.16 -14.59
C GLU B 91 4.74 -5.30 -15.55
N PHE B 92 4.23 -6.49 -15.23
CA PHE B 92 4.41 -7.66 -16.07
C PHE B 92 3.25 -7.69 -17.06
N THR B 93 3.53 -7.93 -18.33
CA THR B 93 2.48 -7.96 -19.34
C THR B 93 1.85 -9.34 -19.51
N GLY B 94 2.53 -10.36 -19.01
CA GLY B 94 2.02 -11.72 -19.14
C GLY B 94 2.84 -12.50 -20.16
N GLN B 95 3.57 -11.78 -21.01
CA GLN B 95 4.39 -12.42 -22.04
C GLN B 95 5.79 -12.72 -21.50
N TRP B 96 6.34 -13.87 -21.88
CA TRP B 96 7.66 -14.27 -21.43
C TRP B 96 8.16 -15.44 -22.26
N ARG B 97 9.46 -15.70 -22.18
CA ARG B 97 10.03 -16.82 -22.92
C ARG B 97 11.41 -17.16 -22.42
N THR B 98 11.80 -18.43 -22.59
CA THR B 98 13.11 -18.88 -22.18
C THR B 98 14.04 -18.62 -23.35
N ILE B 99 15.17 -17.96 -23.09
CA ILE B 99 16.13 -17.66 -24.14
C ILE B 99 17.26 -18.66 -24.21
N VAL B 100 17.52 -19.35 -23.10
CA VAL B 100 18.55 -20.37 -23.04
C VAL B 100 18.00 -21.49 -22.17
N GLU B 101 17.64 -22.60 -22.82
CA GLU B 101 17.07 -23.75 -22.14
C GLU B 101 17.83 -24.10 -20.86
N GLY B 102 17.08 -24.23 -19.77
CA GLY B 102 17.67 -24.58 -18.49
C GLY B 102 18.61 -23.58 -17.87
N VAL B 103 18.69 -22.37 -18.43
CA VAL B 103 19.59 -21.36 -17.89
C VAL B 103 18.98 -19.98 -17.68
N MET B 104 18.29 -19.45 -18.68
CA MET B 104 17.73 -18.11 -18.53
C MET B 104 16.45 -17.87 -19.32
N SER B 105 15.55 -17.12 -18.69
CA SER B 105 14.27 -16.75 -19.28
C SER B 105 14.14 -15.25 -19.13
N VAL B 106 13.25 -14.65 -19.93
CA VAL B 106 13.02 -13.22 -19.84
C VAL B 106 11.52 -12.98 -19.78
N ILE B 107 11.13 -11.87 -19.15
CA ILE B 107 9.71 -11.51 -19.08
C ILE B 107 9.56 -10.15 -19.74
N GLN B 108 8.40 -9.89 -20.31
CA GLN B 108 8.16 -8.59 -20.93
C GLN B 108 7.57 -7.71 -19.84
N ILE B 109 8.18 -6.56 -19.63
CA ILE B 109 7.68 -5.62 -18.63
C ILE B 109 7.19 -4.36 -19.31
N LYS B 110 6.34 -3.63 -18.61
CA LYS B 110 5.78 -2.39 -19.13
C LYS B 110 6.05 -1.24 -18.16
N TYR B 111 6.90 -0.30 -18.58
CA TYR B 111 7.22 0.88 -17.78
C TYR B 111 6.15 1.94 -18.05
N THR B 112 5.81 2.70 -17.02
CA THR B 112 4.86 3.80 -17.13
C THR B 112 5.62 5.03 -16.63
N PHE B 113 5.66 6.09 -17.43
CA PHE B 113 6.39 7.30 -17.05
C PHE B 113 5.78 8.56 -17.67
N ALA C 1 -8.79 -29.18 10.01
CA ALA C 1 -9.95 -29.80 10.70
C ALA C 1 -10.26 -29.03 11.97
N SER C 2 -11.47 -29.18 12.47
CA SER C 2 -11.86 -28.47 13.69
C SER C 2 -12.47 -29.43 14.71
N TYR C 3 -12.46 -29.00 15.97
CA TYR C 3 -13.03 -29.80 17.04
C TYR C 3 -13.66 -28.84 18.04
N LYS C 4 -14.52 -29.36 18.91
CA LYS C 4 -15.20 -28.52 19.89
C LYS C 4 -14.84 -28.84 21.33
N VAL C 5 -14.80 -27.79 22.16
CA VAL C 5 -14.53 -27.90 23.57
C VAL C 5 -15.29 -26.76 24.23
N ASN C 6 -15.62 -26.91 25.51
CA ASN C 6 -16.29 -25.86 26.24
C ASN C 6 -15.21 -25.00 26.89
N ILE C 7 -15.37 -23.69 26.79
CA ILE C 7 -14.40 -22.76 27.37
C ILE C 7 -15.09 -21.94 28.46
N PRO C 8 -14.45 -21.79 29.62
CA PRO C 8 -15.01 -21.02 30.73
C PRO C 8 -15.35 -19.61 30.27
N ALA C 9 -16.39 -19.02 30.86
CA ALA C 9 -16.80 -17.68 30.48
C ALA C 9 -17.15 -16.86 31.70
N GLY C 10 -17.00 -17.47 32.88
CA GLY C 10 -17.38 -16.78 34.09
C GLY C 10 -18.89 -16.95 34.16
N PRO C 11 -19.58 -16.38 35.15
CA PRO C 11 -21.04 -16.56 35.16
C PRO C 11 -21.77 -15.82 34.05
N LEU C 12 -22.64 -16.54 33.34
CA LEU C 12 -23.46 -15.96 32.29
C LEU C 12 -24.88 -16.06 32.81
N TRP C 13 -25.53 -14.91 32.98
CA TRP C 13 -26.87 -14.86 33.54
C TRP C 13 -28.06 -15.01 32.60
N SER C 14 -27.80 -15.21 31.31
CA SER C 14 -28.90 -15.39 30.36
C SER C 14 -28.41 -15.74 28.96
N ASN C 15 -29.29 -16.30 28.15
CA ASN C 15 -28.96 -16.68 26.78
C ASN C 15 -28.67 -15.41 25.99
N ALA C 16 -29.37 -14.34 26.34
CA ALA C 16 -29.17 -13.05 25.66
C ALA C 16 -27.71 -12.66 25.80
N GLU C 17 -27.22 -12.60 27.04
CA GLU C 17 -25.83 -12.25 27.29
C GLU C 17 -24.88 -13.27 26.65
N ALA C 18 -25.15 -14.55 26.90
CA ALA C 18 -24.31 -15.62 26.38
C ALA C 18 -24.09 -15.54 24.87
N GLN C 19 -25.13 -15.22 24.13
CA GLN C 19 -25.00 -15.12 22.67
C GLN C 19 -24.17 -13.90 22.29
N GLN C 20 -24.04 -12.96 23.23
CA GLN C 20 -23.27 -11.75 23.00
C GLN C 20 -21.81 -11.98 23.37
N VAL C 21 -21.60 -12.64 24.51
CA VAL C 21 -20.27 -12.93 25.03
C VAL C 21 -19.59 -14.12 24.38
N GLY C 22 -20.37 -15.16 24.08
CA GLY C 22 -19.82 -16.35 23.46
C GLY C 22 -18.86 -16.10 22.31
N PRO C 23 -19.25 -15.30 21.30
CA PRO C 23 -18.40 -14.99 20.15
C PRO C 23 -17.10 -14.30 20.54
N LYS C 24 -17.14 -13.50 21.62
CA LYS C 24 -15.96 -12.79 22.08
C LYS C 24 -14.95 -13.73 22.72
N ILE C 25 -15.44 -14.65 23.56
CA ILE C 25 -14.55 -15.60 24.18
C ILE C 25 -13.97 -16.51 23.10
N ALA C 26 -14.80 -16.87 22.12
CA ALA C 26 -14.36 -17.71 21.03
C ALA C 26 -13.25 -17.00 20.24
N ALA C 27 -13.46 -15.73 19.95
CA ALA C 27 -12.48 -14.94 19.20
C ALA C 27 -11.14 -14.84 19.95
N ALA C 28 -11.21 -14.73 21.27
CA ALA C 28 -10.00 -14.63 22.07
C ALA C 28 -9.21 -15.94 22.00
N HIS C 29 -9.88 -17.03 21.65
CA HIS C 29 -9.23 -18.33 21.55
C HIS C 29 -9.14 -18.84 20.11
N GLN C 30 -9.21 -17.91 19.16
CA GLN C 30 -9.11 -18.22 17.75
C GLN C 30 -10.10 -19.29 17.33
N GLY C 31 -11.30 -19.21 17.89
CA GLY C 31 -12.32 -20.19 17.57
C GLY C 31 -13.63 -19.54 17.16
N ASN C 32 -14.65 -20.38 16.99
CA ASN C 32 -15.97 -19.90 16.59
C ASN C 32 -17.01 -20.43 17.57
N PHE C 33 -17.81 -19.51 18.09
CA PHE C 33 -18.86 -19.88 19.03
C PHE C 33 -19.98 -20.59 18.26
N THR C 34 -20.40 -21.76 18.74
CA THR C 34 -21.44 -22.53 18.08
C THR C 34 -22.85 -22.08 18.46
N GLY C 35 -22.95 -21.37 19.57
CA GLY C 35 -24.25 -20.91 20.04
C GLY C 35 -24.64 -21.68 21.27
N GLN C 36 -24.02 -22.84 21.46
CA GLN C 36 -24.31 -23.68 22.61
C GLN C 36 -23.52 -23.24 23.83
N TRP C 37 -24.16 -23.28 24.99
CA TRP C 37 -23.53 -22.89 26.23
C TRP C 37 -24.38 -23.37 27.40
N THR C 38 -23.81 -23.32 28.60
CA THR C 38 -24.53 -23.74 29.78
C THR C 38 -23.79 -23.37 31.06
N THR C 39 -24.56 -23.10 32.11
CA THR C 39 -23.98 -22.78 33.41
C THR C 39 -23.63 -24.11 34.07
N VAL C 40 -22.40 -24.22 34.56
CA VAL C 40 -21.95 -25.43 35.21
C VAL C 40 -21.94 -25.29 36.72
N VAL C 41 -21.84 -24.06 37.21
CA VAL C 41 -21.85 -23.79 38.63
C VAL C 41 -22.83 -22.66 38.87
N GLU C 42 -23.96 -22.99 39.48
CA GLU C 42 -25.02 -22.02 39.76
C GLU C 42 -24.50 -20.70 40.31
N SER C 43 -24.84 -19.62 39.61
CA SER C 43 -24.45 -18.27 39.99
C SER C 43 -22.94 -18.04 40.11
N ALA C 44 -22.13 -18.94 39.56
CA ALA C 44 -20.68 -18.77 39.66
C ALA C 44 -19.87 -19.03 38.41
N MET C 45 -20.34 -19.92 37.53
CA MET C 45 -19.57 -20.22 36.33
C MET C 45 -20.39 -20.84 35.21
N SER C 46 -20.13 -20.39 33.99
CA SER C 46 -20.81 -20.88 32.80
C SER C 46 -19.74 -21.19 31.76
N VAL C 47 -20.05 -22.04 30.81
CA VAL C 47 -19.10 -22.38 29.75
C VAL C 47 -19.75 -22.25 28.38
N VAL C 48 -18.95 -21.87 27.39
CA VAL C 48 -19.44 -21.70 26.03
C VAL C 48 -18.74 -22.67 25.09
N GLU C 49 -19.50 -23.28 24.19
CA GLU C 49 -18.94 -24.23 23.24
C GLU C 49 -18.22 -23.53 22.10
N VAL C 50 -16.95 -23.87 21.92
CA VAL C 50 -16.14 -23.26 20.87
C VAL C 50 -15.50 -24.24 19.92
N GLU C 51 -15.59 -23.93 18.63
CA GLU C 51 -14.99 -24.75 17.59
C GLU C 51 -13.57 -24.25 17.39
N LEU C 52 -12.59 -25.13 17.56
CA LEU C 52 -11.19 -24.76 17.40
C LEU C 52 -10.56 -25.44 16.20
N GLN C 53 -9.46 -24.87 15.72
CA GLN C 53 -8.73 -25.42 14.58
C GLN C 53 -7.58 -26.28 15.12
N VAL C 54 -7.26 -27.36 14.42
CA VAL C 54 -6.15 -28.22 14.83
C VAL C 54 -4.86 -27.44 14.65
N GLU C 55 -4.78 -26.70 13.54
CA GLU C 55 -3.60 -25.89 13.26
C GLU C 55 -4.03 -24.46 12.91
N ASN C 56 -3.57 -23.51 13.70
CA ASN C 56 -3.89 -22.11 13.45
C ASN C 56 -2.81 -21.57 12.53
N THR C 57 -3.23 -20.97 11.41
CA THR C 57 -2.28 -20.42 10.46
C THR C 57 -2.56 -18.94 10.23
N GLY C 58 -1.62 -18.24 9.63
CA GLY C 58 -1.79 -16.81 9.39
C GLY C 58 -0.44 -16.16 9.18
N ILE C 59 -0.43 -14.85 8.97
CA ILE C 59 0.84 -14.16 8.75
C ILE C 59 1.31 -13.37 9.97
N HIS C 60 0.50 -13.36 11.02
CA HIS C 60 0.88 -12.64 12.24
C HIS C 60 1.26 -13.58 13.37
N GLU C 61 2.18 -13.14 14.21
CA GLU C 61 2.63 -13.95 15.35
C GLU C 61 2.67 -13.09 16.60
N PHE C 62 2.48 -13.74 17.75
CA PHE C 62 2.53 -13.05 19.04
C PHE C 62 3.07 -14.04 20.05
N LYS C 63 4.18 -13.68 20.69
CA LYS C 63 4.80 -14.54 21.69
C LYS C 63 4.50 -14.00 23.08
N THR C 64 4.32 -14.91 24.04
CA THR C 64 4.04 -14.52 25.41
C THR C 64 4.30 -15.74 26.29
N ASP C 65 4.29 -15.53 27.60
CA ASP C 65 4.51 -16.62 28.55
C ASP C 65 3.18 -17.01 29.22
N VAL C 66 2.98 -18.30 29.41
CA VAL C 66 1.77 -18.81 30.06
C VAL C 66 2.15 -19.90 31.06
N LEU C 67 1.26 -20.19 32.01
CA LEU C 67 1.56 -21.21 33.00
C LEU C 67 1.75 -22.57 32.33
N ALA C 68 2.70 -23.34 32.84
CA ALA C 68 2.99 -24.65 32.27
C ALA C 68 3.04 -25.69 33.38
N GLY C 69 2.74 -25.26 34.61
CA GLY C 69 2.82 -26.15 35.74
C GLY C 69 4.30 -26.26 36.06
N PRO C 70 4.69 -26.99 37.11
CA PRO C 70 6.12 -27.10 37.41
C PRO C 70 6.87 -27.99 36.42
N LEU C 71 7.99 -27.49 35.90
CA LEU C 71 8.83 -28.24 34.97
C LEU C 71 10.18 -28.41 35.68
N TRP C 72 10.61 -29.67 35.80
CA TRP C 72 11.83 -29.98 36.54
C TRP C 72 13.20 -29.98 35.85
N SER C 73 13.22 -29.77 34.54
CA SER C 73 14.50 -29.76 33.82
C SER C 73 14.27 -29.30 32.39
N ASN C 74 15.33 -28.87 31.72
CA ASN C 74 15.17 -28.45 30.33
C ASN C 74 14.75 -29.66 29.52
N ASP C 75 15.28 -30.83 29.86
CA ASP C 75 14.92 -32.06 29.15
C ASP C 75 13.41 -32.29 29.19
N GLU C 76 12.82 -32.17 30.37
CA GLU C 76 11.39 -32.36 30.51
C GLU C 76 10.60 -31.25 29.83
N ALA C 77 11.06 -30.01 30.01
CA ALA C 77 10.40 -28.87 29.40
C ALA C 77 10.37 -29.00 27.89
N GLN C 78 11.49 -29.38 27.29
CA GLN C 78 11.53 -29.54 25.84
C GLN C 78 10.62 -30.68 25.40
N LYS C 79 10.44 -31.68 26.26
CA LYS C 79 9.59 -32.80 25.92
C LYS C 79 8.11 -32.46 26.04
N LEU C 80 7.72 -31.84 27.14
CA LEU C 80 6.33 -31.48 27.39
C LEU C 80 5.89 -30.16 26.77
N GLY C 81 6.85 -29.25 26.58
CA GLY C 81 6.55 -27.94 26.02
C GLY C 81 5.54 -27.92 24.89
N PRO C 82 5.77 -28.71 23.82
CA PRO C 82 4.88 -28.79 22.65
C PRO C 82 3.42 -29.10 23.01
N GLN C 83 3.20 -30.10 23.86
CA GLN C 83 1.84 -30.48 24.23
C GLN C 83 1.16 -29.43 25.09
N ILE C 84 1.91 -28.83 26.01
CA ILE C 84 1.35 -27.79 26.85
C ILE C 84 0.93 -26.61 25.97
N ALA C 85 1.78 -26.25 25.02
CA ALA C 85 1.47 -25.14 24.11
C ALA C 85 0.22 -25.48 23.32
N ALA C 86 0.11 -26.75 22.93
CA ALA C 86 -1.05 -27.20 22.17
C ALA C 86 -2.32 -26.95 22.98
N SER C 87 -2.22 -27.12 24.30
CA SER C 87 -3.36 -26.92 25.18
C SER C 87 -3.77 -25.45 25.23
N TYR C 88 -2.94 -24.56 24.68
CA TYR C 88 -3.24 -23.14 24.62
C TYR C 88 -3.53 -22.75 23.17
N GLY C 89 -3.60 -23.75 22.30
CA GLY C 89 -3.84 -23.48 20.89
C GLY C 89 -2.68 -22.71 20.29
N ALA C 90 -1.46 -23.03 20.72
CA ALA C 90 -0.27 -22.35 20.23
C ALA C 90 0.91 -23.29 20.09
N GLU C 91 2.05 -22.75 19.69
CA GLU C 91 3.28 -23.51 19.52
C GLU C 91 4.27 -23.14 20.62
N PHE C 92 5.12 -24.09 20.97
CA PHE C 92 6.15 -23.89 21.99
C PHE C 92 7.37 -23.36 21.27
N THR C 93 7.97 -22.28 21.77
CA THR C 93 9.14 -21.69 21.14
C THR C 93 10.44 -22.33 21.59
N GLY C 94 10.38 -23.07 22.70
CA GLY C 94 11.58 -23.70 23.23
C GLY C 94 12.05 -22.97 24.47
N GLN C 95 11.62 -21.72 24.62
CA GLN C 95 12.00 -20.91 25.78
C GLN C 95 11.02 -21.16 26.92
N TRP C 96 11.55 -21.22 28.15
CA TRP C 96 10.74 -21.46 29.34
C TRP C 96 11.58 -21.15 30.58
N ARG C 97 10.93 -21.00 31.71
CA ARG C 97 11.63 -20.76 32.96
C ARG C 97 10.73 -21.01 34.15
N THR C 98 11.32 -21.34 35.28
CA THR C 98 10.56 -21.56 36.49
C THR C 98 10.41 -20.21 37.18
N ILE C 99 9.16 -19.83 37.51
CA ILE C 99 8.93 -18.55 38.13
C ILE C 99 8.88 -18.63 39.66
N VAL C 100 8.51 -19.79 40.17
CA VAL C 100 8.48 -20.04 41.61
C VAL C 100 9.09 -21.42 41.84
N GLU C 101 10.28 -21.43 42.45
CA GLU C 101 11.00 -22.67 42.70
C GLU C 101 10.14 -23.80 43.27
N GLY C 102 10.20 -24.95 42.59
CA GLY C 102 9.45 -26.13 43.02
C GLY C 102 7.94 -26.01 43.00
N VAL C 103 7.43 -24.92 42.43
CA VAL C 103 6.00 -24.70 42.39
C VAL C 103 5.40 -24.43 41.00
N MET C 104 6.01 -23.52 40.26
CA MET C 104 5.45 -23.18 38.95
C MET C 104 6.45 -22.71 37.93
N SER C 105 6.27 -23.16 36.69
CA SER C 105 7.12 -22.73 35.59
C SER C 105 6.19 -22.18 34.51
N VAL C 106 6.76 -21.50 33.53
CA VAL C 106 6.00 -20.97 32.41
C VAL C 106 6.77 -21.31 31.15
N ILE C 107 6.05 -21.43 30.03
CA ILE C 107 6.68 -21.69 28.75
C ILE C 107 6.32 -20.54 27.84
N GLN C 108 7.23 -20.20 26.93
CA GLN C 108 6.93 -19.15 25.98
C GLN C 108 6.21 -19.83 24.83
N ILE C 109 5.04 -19.32 24.50
CA ILE C 109 4.26 -19.89 23.40
C ILE C 109 4.18 -18.85 22.31
N LYS C 110 3.88 -19.31 21.10
CA LYS C 110 3.77 -18.41 19.97
C LYS C 110 2.43 -18.60 19.27
N TYR C 111 1.61 -17.56 19.25
CA TYR C 111 0.31 -17.63 18.58
C TYR C 111 0.51 -17.19 17.13
N THR C 112 -0.24 -17.82 16.22
CA THR C 112 -0.18 -17.46 14.81
C THR C 112 -1.61 -17.17 14.41
N PHE C 113 -1.86 -16.00 13.84
CA PHE C 113 -3.20 -15.60 13.43
C PHE C 113 -3.19 -14.71 12.19
N ALA D 1 -15.99 -24.28 44.73
CA ALA D 1 -16.75 -25.01 43.69
C ALA D 1 -15.86 -25.30 42.48
N SER D 2 -16.19 -26.35 41.75
CA SER D 2 -15.42 -26.73 40.57
C SER D 2 -16.30 -27.16 39.40
N TYR D 3 -15.69 -27.32 38.25
CA TYR D 3 -16.39 -27.74 37.04
C TYR D 3 -15.38 -28.40 36.11
N LYS D 4 -15.88 -29.10 35.09
CA LYS D 4 -15.00 -29.78 34.16
C LYS D 4 -15.19 -29.33 32.72
N VAL D 5 -14.09 -29.31 31.98
CA VAL D 5 -14.08 -28.95 30.57
C VAL D 5 -12.97 -29.75 29.92
N ASN D 6 -13.06 -29.97 28.62
CA ASN D 6 -12.03 -30.69 27.89
C ASN D 6 -11.01 -29.67 27.40
N ILE D 7 -9.72 -30.02 27.53
CA ILE D 7 -8.65 -29.14 27.08
C ILE D 7 -7.81 -29.86 26.04
N PRO D 8 -7.46 -29.17 24.95
CA PRO D 8 -6.65 -29.77 23.88
C PRO D 8 -5.32 -30.27 24.41
N ALA D 9 -4.81 -31.36 23.86
CA ALA D 9 -3.54 -31.91 24.32
C ALA D 9 -2.68 -32.31 23.13
N GLY D 10 -3.18 -32.03 21.93
CA GLY D 10 -2.46 -32.44 20.74
C GLY D 10 -2.88 -33.88 20.55
N PRO D 11 -2.37 -34.59 19.54
CA PRO D 11 -2.80 -35.98 19.39
C PRO D 11 -2.24 -36.89 20.49
N LEU D 12 -3.11 -37.72 21.05
CA LEU D 12 -2.70 -38.70 22.07
C LEU D 12 -2.93 -40.06 21.41
N TRP D 13 -1.86 -40.85 21.30
CA TRP D 13 -1.94 -42.13 20.61
C TRP D 13 -2.35 -43.38 21.37
N SER D 14 -2.58 -43.24 22.67
CA SER D 14 -2.98 -44.37 23.49
C SER D 14 -3.44 -43.90 24.86
N ASN D 15 -4.23 -44.72 25.52
CA ASN D 15 -4.72 -44.40 26.85
C ASN D 15 -3.48 -44.26 27.74
N ALA D 16 -2.46 -45.06 27.44
CA ALA D 16 -1.22 -45.04 28.20
C ALA D 16 -0.60 -43.65 28.18
N GLU D 17 -0.40 -43.10 26.98
CA GLU D 17 0.18 -41.77 26.87
C GLU D 17 -0.74 -40.73 27.51
N ALA D 18 -2.03 -40.85 27.26
CA ALA D 18 -3.01 -39.91 27.80
C ALA D 18 -2.95 -39.83 29.33
N GLN D 19 -2.85 -40.98 29.99
CA GLN D 19 -2.81 -41.00 31.45
C GLN D 19 -1.55 -40.33 31.99
N GLN D 20 -0.49 -40.30 31.18
CA GLN D 20 0.76 -39.67 31.60
C GLN D 20 0.77 -38.19 31.22
N VAL D 21 0.17 -37.85 30.08
CA VAL D 21 0.14 -36.46 29.62
C VAL D 21 -0.97 -35.63 30.24
N GLY D 22 -2.13 -36.25 30.45
CA GLY D 22 -3.26 -35.55 31.04
C GLY D 22 -2.90 -34.72 32.27
N PRO D 23 -2.20 -35.30 33.25
CA PRO D 23 -1.81 -34.57 34.46
C PRO D 23 -0.96 -33.33 34.20
N LYS D 24 -0.10 -33.41 33.17
CA LYS D 24 0.77 -32.28 32.84
C LYS D 24 -0.06 -31.14 32.23
N ILE D 25 -1.00 -31.49 31.37
CA ILE D 25 -1.86 -30.48 30.75
C ILE D 25 -2.70 -29.85 31.86
N ALA D 26 -3.24 -30.68 32.75
CA ALA D 26 -4.06 -30.19 33.85
C ALA D 26 -3.28 -29.24 34.75
N ALA D 27 -2.05 -29.60 35.05
CA ALA D 27 -1.19 -28.77 35.92
C ALA D 27 -0.98 -27.38 35.31
N ALA D 28 -0.78 -27.35 34.00
CA ALA D 28 -0.55 -26.09 33.30
C ALA D 28 -1.77 -25.19 33.36
N HIS D 29 -2.94 -25.81 33.58
CA HIS D 29 -4.20 -25.06 33.65
C HIS D 29 -4.79 -25.05 35.05
N GLN D 30 -3.94 -25.25 36.04
CA GLN D 30 -4.35 -25.24 37.44
C GLN D 30 -5.56 -26.10 37.73
N GLY D 31 -5.61 -27.28 37.14
CA GLY D 31 -6.73 -28.17 37.38
C GLY D 31 -6.26 -29.58 37.68
N ASN D 32 -7.21 -30.50 37.74
CA ASN D 32 -6.90 -31.90 37.99
C ASN D 32 -7.45 -32.76 36.86
N PHE D 33 -6.58 -33.57 36.27
CA PHE D 33 -6.97 -34.48 35.18
C PHE D 33 -7.90 -35.54 35.79
N THR D 34 -9.06 -35.73 35.17
CA THR D 34 -10.04 -36.69 35.69
C THR D 34 -9.75 -38.13 35.26
N GLY D 35 -8.93 -38.28 34.23
CA GLY D 35 -8.61 -39.60 33.72
C GLY D 35 -9.38 -39.84 32.43
N GLN D 36 -10.39 -39.03 32.18
CA GLN D 36 -11.20 -39.16 30.97
C GLN D 36 -10.58 -38.32 29.86
N TRP D 37 -10.55 -38.88 28.65
CA TRP D 37 -9.98 -38.17 27.51
C TRP D 37 -10.51 -38.84 26.25
N THR D 38 -10.30 -38.19 25.11
CA THR D 38 -10.76 -38.77 23.85
C THR D 38 -10.17 -38.04 22.65
N THR D 39 -9.96 -38.77 21.58
CA THR D 39 -9.43 -38.18 20.37
C THR D 39 -10.64 -37.58 19.65
N VAL D 40 -10.51 -36.31 19.25
CA VAL D 40 -11.60 -35.62 18.57
C VAL D 40 -11.37 -35.50 17.07
N VAL D 41 -10.10 -35.59 16.67
CA VAL D 41 -9.75 -35.54 15.26
C VAL D 41 -8.74 -36.67 15.04
N GLU D 42 -9.19 -37.73 14.37
CA GLU D 42 -8.33 -38.88 14.11
C GLU D 42 -6.93 -38.49 13.66
N SER D 43 -5.93 -39.05 14.33
CA SER D 43 -4.52 -38.80 14.01
C SER D 43 -4.08 -37.33 14.07
N ALA D 44 -4.87 -36.48 14.71
CA ALA D 44 -4.50 -35.07 14.77
C ALA D 44 -4.79 -34.34 16.07
N MET D 45 -5.83 -34.73 16.81
CA MET D 45 -6.14 -34.03 18.05
C MET D 45 -6.94 -34.83 19.07
N SER D 46 -6.52 -34.70 20.33
CA SER D 46 -7.17 -35.36 21.44
C SER D 46 -7.33 -34.31 22.54
N VAL D 47 -8.33 -34.48 23.38
CA VAL D 47 -8.57 -33.56 24.49
C VAL D 47 -8.59 -34.36 25.79
N VAL D 48 -8.28 -33.71 26.89
CA VAL D 48 -8.26 -34.35 28.19
C VAL D 48 -9.21 -33.61 29.12
N GLU D 49 -10.03 -34.36 29.85
CA GLU D 49 -10.98 -33.72 30.75
C GLU D 49 -10.25 -33.21 31.99
N VAL D 50 -10.46 -31.94 32.31
CA VAL D 50 -9.81 -31.33 33.44
C VAL D 50 -10.78 -30.62 34.39
N GLU D 51 -10.64 -30.89 35.68
CA GLU D 51 -11.50 -30.27 36.68
C GLU D 51 -10.83 -28.99 37.14
N LEU D 52 -11.53 -27.87 36.94
CA LEU D 52 -11.02 -26.56 37.31
C LEU D 52 -11.78 -25.98 38.49
N GLN D 53 -11.15 -25.01 39.16
CA GLN D 53 -11.78 -24.34 40.29
C GLN D 53 -12.42 -23.07 39.75
N VAL D 54 -13.57 -22.71 40.30
CA VAL D 54 -14.23 -21.48 39.85
C VAL D 54 -13.32 -20.31 40.18
N GLU D 55 -12.66 -20.42 41.33
CA GLU D 55 -11.74 -19.38 41.78
C GLU D 55 -10.41 -19.98 42.20
N ASN D 56 -9.34 -19.55 41.54
CA ASN D 56 -8.01 -20.04 41.88
C ASN D 56 -7.46 -19.20 43.02
N THR D 57 -6.89 -19.86 44.02
CA THR D 57 -6.33 -19.14 45.17
C THR D 57 -4.85 -19.44 45.32
N GLY D 58 -4.19 -18.68 46.18
CA GLY D 58 -2.77 -18.88 46.39
C GLY D 58 -2.06 -17.56 46.69
N ILE D 59 -0.80 -17.66 47.08
CA ILE D 59 -0.03 -16.47 47.42
C ILE D 59 0.85 -15.95 46.28
N HIS D 60 0.88 -16.68 45.17
CA HIS D 60 1.70 -16.26 44.05
C HIS D 60 0.86 -15.76 42.89
N GLU D 61 1.43 -14.85 42.11
CA GLU D 61 0.74 -14.31 40.96
C GLU D 61 1.70 -14.15 39.79
N PHE D 62 1.16 -14.22 38.59
CA PHE D 62 1.96 -14.06 37.37
C PHE D 62 1.11 -13.30 36.37
N LYS D 63 1.65 -12.20 35.86
CA LYS D 63 0.94 -11.39 34.88
C LYS D 63 1.52 -11.61 33.50
N THR D 64 0.67 -11.64 32.50
CA THR D 64 1.13 -11.85 31.13
C THR D 64 0.05 -11.41 30.15
N ASP D 65 0.41 -11.29 28.87
CA ASP D 65 -0.57 -10.89 27.87
C ASP D 65 -1.03 -12.11 27.06
N VAL D 66 -2.33 -12.19 26.80
CA VAL D 66 -2.87 -13.30 26.02
C VAL D 66 -3.82 -12.74 24.97
N LEU D 67 -4.11 -13.53 23.93
CA LEU D 67 -5.02 -13.05 22.88
C LEU D 67 -6.39 -12.76 23.44
N ALA D 68 -7.01 -11.69 22.93
CA ALA D 68 -8.33 -11.29 23.40
C ALA D 68 -9.27 -11.09 22.23
N GLY D 69 -8.77 -11.35 21.02
CA GLY D 69 -9.58 -11.12 19.83
C GLY D 69 -9.53 -9.62 19.62
N PRO D 70 -10.07 -9.10 18.52
CA PRO D 70 -10.01 -7.64 18.34
C PRO D 70 -10.96 -6.93 19.31
N LEU D 71 -10.45 -5.92 20.02
CA LEU D 71 -11.25 -5.12 20.95
C LEU D 71 -11.29 -3.72 20.34
N TRP D 72 -12.49 -3.17 20.18
CA TRP D 72 -12.63 -1.88 19.52
C TRP D 72 -12.62 -0.59 20.32
N SER D 73 -12.52 -0.68 21.63
CA SER D 73 -12.48 0.51 22.47
C SER D 73 -12.16 0.11 23.89
N ASN D 74 -11.71 1.07 24.69
CA ASN D 74 -11.40 0.77 26.07
C ASN D 74 -12.68 0.37 26.79
N ASP D 75 -13.77 1.06 26.47
CA ASP D 75 -15.05 0.75 27.10
C ASP D 75 -15.40 -0.72 26.85
N GLU D 76 -15.17 -1.19 25.64
CA GLU D 76 -15.46 -2.58 25.32
C GLU D 76 -14.50 -3.50 26.05
N ALA D 77 -13.22 -3.16 26.03
CA ALA D 77 -12.19 -3.97 26.68
C ALA D 77 -12.42 -4.08 28.19
N GLN D 78 -12.78 -2.98 28.82
CA GLN D 78 -13.02 -3.02 30.26
C GLN D 78 -14.25 -3.88 30.55
N LYS D 79 -15.19 -3.87 29.61
CA LYS D 79 -16.41 -4.65 29.78
C LYS D 79 -16.19 -6.16 29.57
N LEU D 80 -15.51 -6.50 28.49
CA LEU D 80 -15.26 -7.91 28.15
C LEU D 80 -14.02 -8.52 28.81
N GLY D 81 -13.05 -7.67 29.14
CA GLY D 81 -11.81 -8.14 29.75
C GLY D 81 -11.96 -9.17 30.86
N PRO D 82 -12.80 -8.91 31.86
CA PRO D 82 -12.98 -9.86 32.95
C PRO D 82 -13.44 -11.24 32.49
N GLN D 83 -14.33 -11.25 31.51
CA GLN D 83 -14.86 -12.52 30.99
C GLN D 83 -13.82 -13.24 30.15
N ILE D 84 -13.09 -12.48 29.33
CA ILE D 84 -12.05 -13.11 28.51
C ILE D 84 -10.99 -13.68 29.46
N ALA D 85 -10.62 -12.91 30.48
CA ALA D 85 -9.64 -13.37 31.45
C ALA D 85 -10.12 -14.65 32.14
N ALA D 86 -11.41 -14.70 32.44
CA ALA D 86 -11.98 -15.87 33.09
C ALA D 86 -11.84 -17.10 32.17
N SER D 87 -11.85 -16.87 30.86
CA SER D 87 -11.74 -17.97 29.90
C SER D 87 -10.31 -18.53 29.88
N TYR D 88 -9.40 -17.86 30.58
CA TYR D 88 -8.01 -18.30 30.68
C TYR D 88 -7.77 -18.76 32.11
N GLY D 89 -8.83 -18.71 32.92
CA GLY D 89 -8.72 -19.12 34.31
C GLY D 89 -7.91 -18.12 35.12
N ALA D 90 -8.11 -16.84 34.83
CA ALA D 90 -7.38 -15.78 35.51
C ALA D 90 -8.21 -14.51 35.62
N GLU D 91 -7.62 -13.46 36.17
CA GLU D 91 -8.29 -12.18 36.33
C GLU D 91 -7.76 -11.17 35.31
N PHE D 92 -8.57 -10.17 35.01
CA PHE D 92 -8.20 -9.10 34.09
C PHE D 92 -7.64 -7.96 34.94
N THR D 93 -6.48 -7.43 34.58
CA THR D 93 -5.86 -6.35 35.34
C THR D 93 -6.34 -4.97 34.92
N GLY D 94 -6.98 -4.89 33.75
CA GLY D 94 -7.45 -3.60 33.26
C GLY D 94 -6.56 -3.10 32.14
N GLN D 95 -5.39 -3.71 32.00
CA GLN D 95 -4.45 -3.32 30.96
C GLN D 95 -4.67 -4.16 29.71
N TRP D 96 -4.68 -3.51 28.54
CA TRP D 96 -4.87 -4.21 27.28
C TRP D 96 -4.39 -3.34 26.13
N ARG D 97 -4.18 -3.94 24.96
CA ARG D 97 -3.76 -3.17 23.80
C ARG D 97 -3.97 -3.95 22.52
N THR D 98 -4.18 -3.22 21.43
CA THR D 98 -4.35 -3.85 20.13
C THR D 98 -2.94 -4.04 19.58
N ILE D 99 -2.65 -5.24 19.08
CA ILE D 99 -1.33 -5.53 18.54
C ILE D 99 -1.30 -5.50 17.02
N VAL D 100 -2.47 -5.69 16.39
CA VAL D 100 -2.60 -5.63 14.94
C VAL D 100 -3.91 -4.90 14.67
N GLU D 101 -3.80 -3.64 14.27
CA GLU D 101 -4.97 -2.80 14.02
C GLU D 101 -6.07 -3.48 13.21
N GLY D 102 -7.27 -3.51 13.78
CA GLY D 102 -8.43 -4.10 13.13
C GLY D 102 -8.47 -5.62 13.09
N VAL D 103 -7.43 -6.25 13.63
CA VAL D 103 -7.32 -7.70 13.60
C VAL D 103 -7.22 -8.41 14.95
N MET D 104 -6.37 -7.90 15.83
CA MET D 104 -6.18 -8.57 17.10
C MET D 104 -5.71 -7.66 18.23
N SER D 105 -6.23 -7.93 19.42
CA SER D 105 -5.87 -7.21 20.63
C SER D 105 -5.47 -8.25 21.67
N VAL D 106 -4.87 -7.80 22.77
CA VAL D 106 -4.47 -8.71 23.83
C VAL D 106 -4.81 -8.04 25.15
N ILE D 107 -5.06 -8.85 26.19
CA ILE D 107 -5.34 -8.30 27.49
C ILE D 107 -4.31 -8.83 28.47
N GLN D 108 -4.02 -8.06 29.51
CA GLN D 108 -3.07 -8.52 30.50
C GLN D 108 -3.88 -9.26 31.55
N ILE D 109 -3.51 -10.50 31.84
CA ILE D 109 -4.21 -11.27 32.84
C ILE D 109 -3.28 -11.54 34.02
N LYS D 110 -3.88 -11.86 35.14
CA LYS D 110 -3.10 -12.15 36.33
C LYS D 110 -3.50 -13.52 36.86
N TYR D 111 -2.55 -14.45 36.87
CA TYR D 111 -2.81 -15.78 37.39
C TYR D 111 -2.51 -15.73 38.87
N THR D 112 -3.25 -16.53 39.63
CA THR D 112 -3.04 -16.65 41.07
C THR D 112 -2.85 -18.15 41.32
N PHE D 113 -1.73 -18.51 41.94
CA PHE D 113 -1.47 -19.92 42.22
C PHE D 113 -0.71 -20.11 43.53
N ALA E 1 21.47 46.68 -12.71
CA ALA E 1 21.72 46.22 -14.12
C ALA E 1 20.57 45.33 -14.60
N SER E 2 20.58 45.00 -15.89
CA SER E 2 19.54 44.16 -16.46
C SER E 2 20.10 43.08 -17.38
N TYR E 3 19.23 42.14 -17.74
CA TYR E 3 19.58 41.05 -18.63
C TYR E 3 18.28 40.57 -19.29
N LYS E 4 18.40 39.72 -20.30
CA LYS E 4 17.23 39.24 -21.01
C LYS E 4 17.14 37.72 -21.08
N VAL E 5 15.91 37.22 -20.99
CA VAL E 5 15.65 35.79 -21.10
C VAL E 5 14.31 35.63 -21.80
N ASN E 6 14.08 34.46 -22.37
CA ASN E 6 12.80 34.20 -23.04
C ASN E 6 11.86 33.56 -22.02
N ILE E 7 10.62 34.02 -22.00
CA ILE E 7 9.64 33.49 -21.05
C ILE E 7 8.47 32.87 -21.80
N PRO E 8 8.04 31.66 -21.37
CA PRO E 8 6.92 30.98 -22.02
C PRO E 8 5.69 31.87 -22.03
N ALA E 9 4.92 31.81 -23.11
CA ALA E 9 3.73 32.64 -23.25
C ALA E 9 2.54 31.80 -23.68
N GLY E 10 2.79 30.52 -23.94
CA GLY E 10 1.75 29.64 -24.43
C GLY E 10 1.85 29.88 -25.93
N PRO E 11 1.00 29.26 -26.75
CA PRO E 11 1.11 29.52 -28.19
C PRO E 11 0.65 30.92 -28.61
N LEU E 12 1.48 31.60 -29.38
CA LEU E 12 1.12 32.93 -29.89
C LEU E 12 0.93 32.73 -31.40
N TRP E 13 -0.24 33.08 -31.90
CA TRP E 13 -0.57 32.85 -33.31
C TRP E 13 -0.18 33.91 -34.33
N SER E 14 0.32 35.04 -33.88
CA SER E 14 0.72 36.10 -34.80
C SER E 14 1.54 37.13 -34.07
N ASN E 15 2.29 37.92 -34.82
CA ASN E 15 3.10 38.97 -34.23
C ASN E 15 2.15 39.95 -33.56
N ALA E 16 0.96 40.07 -34.14
CA ALA E 16 -0.07 40.96 -33.61
C ALA E 16 -0.44 40.59 -32.16
N GLU E 17 -0.78 39.32 -31.94
CA GLU E 17 -1.13 38.88 -30.60
C GLU E 17 0.09 38.96 -29.68
N ALA E 18 1.25 38.57 -30.20
CA ALA E 18 2.49 38.59 -29.44
C ALA E 18 2.81 39.97 -28.88
N GLN E 19 2.67 41.01 -29.72
CA GLN E 19 2.97 42.37 -29.28
C GLN E 19 2.01 42.86 -28.20
N GLN E 20 0.80 42.29 -28.18
CA GLN E 20 -0.21 42.67 -27.19
C GLN E 20 -0.08 41.86 -25.91
N VAL E 21 0.32 40.60 -26.05
CA VAL E 21 0.46 39.71 -24.90
C VAL E 21 1.82 39.80 -24.22
N GLY E 22 2.87 40.01 -25.00
CA GLY E 22 4.21 40.11 -24.44
C GLY E 22 4.33 41.03 -23.24
N PRO E 23 3.76 42.25 -23.31
CA PRO E 23 3.84 43.19 -22.19
C PRO E 23 3.16 42.68 -20.92
N LYS E 24 2.10 41.89 -21.09
CA LYS E 24 1.38 41.36 -19.94
C LYS E 24 2.21 40.28 -19.24
N ILE E 25 2.91 39.46 -20.02
CA ILE E 25 3.74 38.42 -19.44
C ILE E 25 4.93 39.07 -18.76
N ALA E 26 5.49 40.10 -19.41
CA ALA E 26 6.63 40.81 -18.85
C ALA E 26 6.25 41.46 -17.52
N ALA E 27 5.08 42.08 -17.46
CA ALA E 27 4.62 42.73 -16.24
C ALA E 27 4.51 41.72 -15.09
N ALA E 28 4.00 40.54 -15.39
CA ALA E 28 3.85 39.50 -14.38
C ALA E 28 5.19 39.04 -13.82
N HIS E 29 6.26 39.27 -14.59
CA HIS E 29 7.60 38.87 -14.17
C HIS E 29 8.50 40.06 -13.90
N GLN E 30 7.89 41.20 -13.59
CA GLN E 30 8.62 42.43 -13.27
C GLN E 30 9.69 42.77 -14.30
N GLY E 31 9.37 42.59 -15.58
CA GLY E 31 10.33 42.92 -16.62
C GLY E 31 9.70 43.75 -17.71
N ASN E 32 10.47 44.00 -18.77
CA ASN E 32 9.98 44.76 -19.91
C ASN E 32 10.09 43.91 -21.17
N PHE E 33 8.98 43.81 -21.90
CA PHE E 33 8.94 43.04 -23.14
C PHE E 33 9.74 43.82 -24.19
N THR E 34 10.69 43.15 -24.83
CA THR E 34 11.55 43.80 -25.82
C THR E 34 10.94 43.89 -27.22
N GLY E 35 9.87 43.14 -27.44
CA GLY E 35 9.24 43.13 -28.75
C GLY E 35 9.68 41.90 -29.53
N GLN E 36 10.73 41.24 -29.04
CA GLN E 36 11.24 40.04 -29.70
C GLN E 36 10.54 38.82 -29.12
N TRP E 37 10.16 37.90 -29.99
CA TRP E 37 9.47 36.69 -29.57
C TRP E 37 9.54 35.67 -30.71
N THR E 38 9.23 34.42 -30.40
CA THR E 38 9.25 33.39 -31.41
C THR E 38 8.58 32.12 -30.93
N THR E 39 8.00 31.38 -31.88
CA THR E 39 7.37 30.12 -31.55
C THR E 39 8.48 29.09 -31.48
N VAL E 40 8.48 28.29 -30.43
CA VAL E 40 9.52 27.27 -30.24
C VAL E 40 9.00 25.87 -30.50
N VAL E 41 7.69 25.70 -30.41
CA VAL E 41 7.03 24.43 -30.69
C VAL E 41 5.82 24.78 -31.54
N GLU E 42 5.90 24.41 -32.81
CA GLU E 42 4.83 24.71 -33.75
C GLU E 42 3.44 24.36 -33.22
N SER E 43 2.53 25.33 -33.31
CA SER E 43 1.15 25.17 -32.87
C SER E 43 0.96 24.84 -31.39
N ALA E 44 2.00 25.02 -30.58
CA ALA E 44 1.84 24.69 -29.17
C ALA E 44 2.53 25.59 -28.16
N MET E 45 3.62 26.24 -28.55
CA MET E 45 4.31 27.10 -27.58
C MET E 45 5.17 28.20 -28.20
N SER E 46 5.06 29.39 -27.63
CA SER E 46 5.84 30.53 -28.08
C SER E 46 6.42 31.18 -26.83
N VAL E 47 7.53 31.89 -27.00
CA VAL E 47 8.17 32.56 -25.88
C VAL E 47 8.34 34.03 -26.24
N VAL E 48 8.43 34.88 -25.22
CA VAL E 48 8.61 36.31 -25.42
C VAL E 48 9.86 36.76 -24.69
N GLU E 49 10.71 37.53 -25.36
CA GLU E 49 11.93 38.00 -24.73
C GLU E 49 11.61 39.10 -23.73
N VAL E 50 12.07 38.92 -22.50
CA VAL E 50 11.80 39.87 -21.44
C VAL E 50 13.08 40.37 -20.78
N GLU E 51 13.18 41.68 -20.62
CA GLU E 51 14.33 42.30 -19.98
C GLU E 51 14.04 42.36 -18.49
N LEU E 52 14.88 41.70 -17.71
CA LEU E 52 14.72 41.65 -16.26
C LEU E 52 15.81 42.42 -15.53
N GLN E 53 15.50 42.81 -14.29
CA GLN E 53 16.46 43.54 -13.46
C GLN E 53 17.19 42.53 -12.58
N VAL E 54 18.49 42.72 -12.40
CA VAL E 54 19.26 41.80 -11.56
C VAL E 54 18.67 41.84 -10.16
N GLU E 55 18.29 43.05 -9.72
CA GLU E 55 17.71 43.23 -8.40
C GLU E 55 16.42 44.05 -8.49
N ASN E 56 15.32 43.46 -8.04
CA ASN E 56 14.04 44.15 -8.06
C ASN E 56 13.92 45.00 -6.81
N THR E 57 13.53 46.25 -6.97
CA THR E 57 13.39 47.16 -5.85
C THR E 57 11.95 47.65 -5.72
N GLY E 58 11.66 48.33 -4.62
CA GLY E 58 10.31 48.84 -4.40
C GLY E 58 9.95 48.82 -2.93
N ILE E 59 8.78 49.34 -2.59
CA ILE E 59 8.34 49.39 -1.21
C ILE E 59 7.31 48.32 -0.83
N HIS E 60 6.88 47.53 -1.81
CA HIS E 60 5.90 46.49 -1.54
C HIS E 60 6.53 45.11 -1.62
N GLU E 61 5.96 44.16 -0.90
CA GLU E 61 6.45 42.80 -0.91
C GLU E 61 5.28 41.84 -0.89
N PHE E 62 5.52 40.63 -1.39
CA PHE E 62 4.50 39.60 -1.41
C PHE E 62 5.22 38.28 -1.22
N LYS E 63 4.76 37.49 -0.26
CA LYS E 63 5.38 36.20 0.02
C LYS E 63 4.45 35.09 -0.48
N THR E 64 5.04 34.03 -1.01
CA THR E 64 4.25 32.92 -1.51
C THR E 64 5.16 31.70 -1.64
N ASP E 65 4.56 30.52 -1.80
CA ASP E 65 5.33 29.28 -1.95
C ASP E 65 5.38 28.90 -3.42
N VAL E 66 6.53 28.43 -3.88
CA VAL E 66 6.68 28.01 -5.27
C VAL E 66 7.44 26.68 -5.28
N LEU E 67 7.35 25.95 -6.39
CA LEU E 67 8.03 24.66 -6.49
C LEU E 67 9.54 24.87 -6.38
N ALA E 68 10.21 23.94 -5.71
CA ALA E 68 11.65 24.04 -5.53
C ALA E 68 12.35 22.74 -5.91
N GLY E 69 11.54 21.77 -6.37
CA GLY E 69 12.07 20.47 -6.71
C GLY E 69 12.21 19.76 -5.37
N PRO E 70 12.61 18.48 -5.35
CA PRO E 70 12.74 17.84 -4.04
C PRO E 70 13.98 18.34 -3.30
N LEU E 71 13.80 18.73 -2.03
CA LEU E 71 14.92 19.20 -1.21
C LEU E 71 15.03 18.14 -0.10
N TRP E 72 16.23 17.60 0.08
CA TRP E 72 16.46 16.51 1.03
C TRP E 72 16.81 16.82 2.47
N SER E 73 17.05 18.08 2.78
CA SER E 73 17.39 18.45 4.15
C SER E 73 17.33 19.96 4.27
N ASN E 74 17.26 20.45 5.50
CA ASN E 74 17.23 21.89 5.71
C ASN E 74 18.56 22.47 5.28
N ASP E 75 19.62 21.70 5.52
CA ASP E 75 20.97 22.14 5.15
C ASP E 75 21.02 22.43 3.66
N GLU E 76 20.44 21.53 2.86
CA GLU E 76 20.44 21.70 1.43
C GLU E 76 19.53 22.86 1.03
N ALA E 77 18.38 22.94 1.69
CA ALA E 77 17.42 23.99 1.39
C ALA E 77 17.99 25.38 1.67
N GLN E 78 18.67 25.55 2.79
CA GLN E 78 19.24 26.87 3.10
C GLN E 78 20.35 27.22 2.11
N LYS E 79 20.99 26.20 1.56
CA LYS E 79 22.08 26.42 0.59
C LYS E 79 21.53 26.75 -0.80
N LEU E 80 20.57 25.96 -1.28
CA LEU E 80 19.98 26.17 -2.60
C LEU E 80 18.84 27.16 -2.64
N GLY E 81 18.17 27.35 -1.51
CA GLY E 81 17.04 28.28 -1.46
C GLY E 81 17.25 29.60 -2.17
N PRO E 82 18.33 30.34 -1.83
CA PRO E 82 18.61 31.63 -2.47
C PRO E 82 18.70 31.58 -3.99
N GLN E 83 19.32 30.52 -4.51
CA GLN E 83 19.47 30.39 -5.96
C GLN E 83 18.15 30.05 -6.64
N ILE E 84 17.39 29.16 -6.01
CA ILE E 84 16.09 28.78 -6.56
C ILE E 84 15.17 30.02 -6.55
N ALA E 85 15.22 30.79 -5.46
CA ALA E 85 14.39 31.99 -5.36
C ALA E 85 14.77 33.00 -6.44
N ALA E 86 16.06 33.06 -6.75
CA ALA E 86 16.54 33.98 -7.77
C ALA E 86 15.99 33.59 -9.14
N SER E 87 15.81 32.28 -9.36
CA SER E 87 15.28 31.78 -10.62
C SER E 87 13.82 32.18 -10.81
N TYR E 88 13.20 32.71 -9.75
CA TYR E 88 11.83 33.19 -9.80
C TYR E 88 11.83 34.71 -9.74
N GLY E 89 13.02 35.31 -9.73
CA GLY E 89 13.12 36.75 -9.66
C GLY E 89 12.70 37.25 -8.29
N ALA E 90 13.04 36.51 -7.25
CA ALA E 90 12.69 36.88 -5.89
C ALA E 90 13.74 36.45 -4.88
N GLU E 91 13.45 36.66 -3.59
CA GLU E 91 14.36 36.29 -2.52
C GLU E 91 13.79 35.11 -1.75
N PHE E 92 14.67 34.34 -1.13
CA PHE E 92 14.29 33.19 -0.32
C PHE E 92 14.17 33.68 1.13
N THR E 93 13.04 33.38 1.78
CA THR E 93 12.85 33.85 3.16
C THR E 93 13.48 32.93 4.19
N GLY E 94 13.81 31.71 3.78
CA GLY E 94 14.40 30.75 4.68
C GLY E 94 13.40 29.65 5.03
N GLN E 95 12.12 29.90 4.73
CA GLN E 95 11.07 28.92 5.03
C GLN E 95 10.82 28.03 3.83
N TRP E 96 10.57 26.74 4.08
CA TRP E 96 10.33 25.77 3.01
C TRP E 96 9.78 24.48 3.60
N ARG E 97 9.21 23.62 2.76
CA ARG E 97 8.69 22.35 3.23
C ARG E 97 8.49 21.39 2.07
N THR E 98 8.58 20.10 2.37
CA THR E 98 8.36 19.08 1.35
C THR E 98 6.85 18.86 1.33
N ILE E 99 6.24 18.88 0.15
CA ILE E 99 4.80 18.69 0.03
C ILE E 99 4.45 17.26 -0.37
N VAL E 100 5.38 16.59 -1.03
CA VAL E 100 5.21 15.19 -1.42
C VAL E 100 6.54 14.50 -1.12
N GLU E 101 6.55 13.68 -0.06
CA GLU E 101 7.76 12.98 0.36
C GLU E 101 8.50 12.29 -0.79
N GLY E 102 9.79 12.58 -0.91
CA GLY E 102 10.62 11.98 -1.94
C GLY E 102 10.37 12.46 -3.36
N VAL E 103 9.45 13.41 -3.51
CA VAL E 103 9.10 13.91 -4.84
C VAL E 103 9.16 15.41 -5.07
N MET E 104 8.68 16.19 -4.10
CA MET E 104 8.64 17.63 -4.31
C MET E 104 8.58 18.45 -3.04
N SER E 105 9.28 19.58 -3.08
CA SER E 105 9.30 20.51 -1.96
C SER E 105 8.99 21.89 -2.53
N VAL E 106 8.72 22.85 -1.64
CA VAL E 106 8.44 24.20 -2.08
C VAL E 106 9.22 25.13 -1.15
N ILE E 107 9.57 26.31 -1.64
CA ILE E 107 10.26 27.27 -0.80
C ILE E 107 9.40 28.51 -0.74
N GLN E 108 9.51 29.27 0.34
CA GLN E 108 8.75 30.50 0.44
C GLN E 108 9.64 31.58 -0.14
N ILE E 109 9.13 32.33 -1.11
CA ILE E 109 9.90 33.40 -1.71
C ILE E 109 9.25 34.74 -1.40
N LYS E 110 10.02 35.81 -1.51
CA LYS E 110 9.52 37.14 -1.23
C LYS E 110 9.77 38.04 -2.44
N TYR E 111 8.68 38.50 -3.07
CA TYR E 111 8.81 39.41 -4.19
C TYR E 111 8.89 40.82 -3.65
N THR E 112 9.57 41.69 -4.38
CA THR E 112 9.68 43.10 -4.00
C THR E 112 9.31 43.87 -5.24
N PHE E 113 8.31 44.74 -5.14
CA PHE E 113 7.88 45.54 -6.27
C PHE E 113 7.38 46.91 -5.86
N ALA F 1 6.10 17.46 -26.05
CA ALA F 1 7.15 18.25 -26.76
C ALA F 1 7.85 19.17 -25.76
N SER F 2 9.12 19.44 -26.00
CA SER F 2 9.89 20.29 -25.10
C SER F 2 10.48 21.47 -25.84
N TYR F 3 10.88 22.48 -25.08
CA TYR F 3 11.49 23.68 -25.65
C TYR F 3 12.47 24.21 -24.62
N LYS F 4 13.41 25.04 -25.06
CA LYS F 4 14.41 25.58 -24.15
C LYS F 4 14.32 27.08 -23.92
N VAL F 5 14.63 27.48 -22.70
CA VAL F 5 14.65 28.89 -22.31
C VAL F 5 15.76 29.01 -21.28
N ASN F 6 16.29 30.22 -21.11
CA ASN F 6 17.31 30.41 -20.09
C ASN F 6 16.59 30.90 -18.85
N ILE F 7 16.94 30.31 -17.70
CA ILE F 7 16.34 30.68 -16.42
C ILE F 7 17.42 31.27 -15.51
N PRO F 8 17.10 32.37 -14.80
CA PRO F 8 18.04 33.03 -13.90
C PRO F 8 18.49 32.09 -12.76
N ALA F 9 19.75 32.19 -12.36
CA ALA F 9 20.25 31.34 -11.28
C ALA F 9 21.05 32.18 -10.29
N GLY F 10 21.06 33.49 -10.54
CA GLY F 10 21.84 34.36 -9.68
C GLY F 10 23.27 34.21 -10.15
N PRO F 11 24.24 34.85 -9.51
CA PRO F 11 25.62 34.70 -9.96
C PRO F 11 26.20 33.29 -9.81
N LEU F 12 26.77 32.78 -10.91
CA LEU F 12 27.42 31.48 -10.92
C LEU F 12 28.87 31.82 -11.25
N TRP F 13 29.80 31.40 -10.40
CA TRP F 13 31.21 31.73 -10.60
C TRP F 13 32.09 30.73 -11.34
N SER F 14 31.58 29.53 -11.58
CA SER F 14 32.36 28.54 -12.30
C SER F 14 31.45 27.54 -12.98
N ASN F 15 31.98 26.84 -13.97
CA ASN F 15 31.20 25.83 -14.69
C ASN F 15 30.95 24.69 -13.71
N ALA F 16 31.89 24.48 -12.80
CA ALA F 16 31.75 23.43 -11.80
C ALA F 16 30.50 23.71 -10.97
N GLU F 17 30.38 24.92 -10.46
CA GLU F 17 29.23 25.31 -9.67
C GLU F 17 27.98 25.19 -10.53
N ALA F 18 28.01 25.84 -11.69
CA ALA F 18 26.88 25.84 -12.62
C ALA F 18 26.36 24.44 -12.93
N GLN F 19 27.27 23.48 -13.13
CA GLN F 19 26.86 22.12 -13.45
C GLN F 19 26.21 21.43 -12.25
N GLN F 20 26.39 22.00 -11.06
CA GLN F 20 25.81 21.42 -9.87
C GLN F 20 24.52 22.14 -9.50
N VAL F 21 24.45 23.42 -9.83
CA VAL F 21 23.26 24.22 -9.53
C VAL F 21 22.22 24.13 -10.65
N GLY F 22 22.70 24.08 -11.89
CA GLY F 22 21.80 23.99 -13.02
C GLY F 22 20.67 23.00 -12.87
N PRO F 23 20.96 21.73 -12.55
CA PRO F 23 19.92 20.70 -12.38
C PRO F 23 18.90 21.06 -11.29
N LYS F 24 19.35 21.76 -10.26
CA LYS F 24 18.48 22.15 -9.16
C LYS F 24 17.50 23.22 -9.62
N ILE F 25 18.01 24.19 -10.39
CA ILE F 25 17.17 25.26 -10.91
C ILE F 25 16.14 24.63 -11.84
N ALA F 26 16.60 23.71 -12.69
CA ALA F 26 15.71 23.04 -13.63
C ALA F 26 14.60 22.28 -12.92
N ALA F 27 14.95 21.50 -11.90
CA ALA F 27 13.97 20.73 -11.14
C ALA F 27 12.91 21.63 -10.52
N ALA F 28 13.32 22.80 -10.04
CA ALA F 28 12.40 23.74 -9.42
C ALA F 28 11.36 24.22 -10.43
N HIS F 29 11.73 24.17 -11.71
CA HIS F 29 10.84 24.60 -12.79
C HIS F 29 10.35 23.44 -13.64
N GLN F 30 10.39 22.24 -13.07
CA GLN F 30 9.92 21.04 -13.76
C GLN F 30 10.58 20.84 -15.11
N GLY F 31 11.86 21.19 -15.19
CA GLY F 31 12.58 21.04 -16.44
C GLY F 31 13.84 20.21 -16.30
N ASN F 32 14.66 20.23 -17.34
CA ASN F 32 15.92 19.49 -17.36
C ASN F 32 17.03 20.40 -17.84
N PHE F 33 18.09 20.48 -17.03
CA PHE F 33 19.24 21.31 -17.36
C PHE F 33 19.95 20.65 -18.54
N THR F 34 20.28 21.44 -19.56
CA THR F 34 20.94 20.93 -20.76
C THR F 34 22.44 20.88 -20.60
N GLY F 35 22.95 21.64 -19.64
CA GLY F 35 24.39 21.69 -19.42
C GLY F 35 24.93 23.03 -19.87
N GLN F 36 24.14 23.74 -20.69
CA GLN F 36 24.53 25.05 -21.20
C GLN F 36 24.14 26.17 -20.24
N TRP F 37 25.03 27.14 -20.06
CA TRP F 37 24.78 28.26 -19.19
C TRP F 37 25.76 29.39 -19.49
N THR F 38 25.47 30.59 -18.99
CA THR F 38 26.35 31.73 -19.21
C THR F 38 26.02 32.92 -18.32
N THR F 39 27.05 33.66 -17.93
CA THR F 39 26.89 34.84 -17.09
C THR F 39 26.46 36.01 -17.97
N VAL F 40 25.32 36.61 -17.64
CA VAL F 40 24.79 37.73 -18.40
C VAL F 40 25.19 39.08 -17.79
N VAL F 41 25.46 39.08 -16.50
CA VAL F 41 25.90 40.29 -15.80
C VAL F 41 27.09 39.91 -14.93
N GLU F 42 28.27 40.38 -15.33
CA GLU F 42 29.51 40.08 -14.62
C GLU F 42 29.39 40.21 -13.11
N SER F 43 29.72 39.13 -12.41
CA SER F 43 29.70 39.10 -10.96
C SER F 43 28.34 39.42 -10.35
N ALA F 44 27.27 39.37 -11.15
CA ALA F 44 25.95 39.68 -10.63
C ALA F 44 24.82 38.72 -11.03
N MET F 45 24.87 38.20 -12.25
CA MET F 45 23.81 37.30 -12.69
C MET F 45 24.23 36.34 -13.80
N SER F 46 23.75 35.10 -13.69
CA SER F 46 24.02 34.07 -14.67
C SER F 46 22.70 33.36 -14.99
N VAL F 47 22.63 32.70 -16.14
CA VAL F 47 21.41 31.98 -16.52
C VAL F 47 21.77 30.56 -16.93
N VAL F 48 20.83 29.64 -16.72
CA VAL F 48 21.04 28.24 -17.08
C VAL F 48 19.98 27.82 -18.08
N GLU F 49 20.39 27.09 -19.12
CA GLU F 49 19.46 26.65 -20.15
C GLU F 49 18.66 25.44 -19.67
N VAL F 50 17.34 25.58 -19.70
CA VAL F 50 16.44 24.54 -19.25
C VAL F 50 15.43 24.09 -20.29
N GLU F 51 15.27 22.78 -20.40
CA GLU F 51 14.32 22.18 -21.32
C GLU F 51 13.01 22.06 -20.54
N LEU F 52 11.93 22.61 -21.09
CA LEU F 52 10.63 22.57 -20.44
C LEU F 52 9.61 21.81 -21.29
N GLN F 53 8.56 21.33 -20.63
CA GLN F 53 7.50 20.60 -21.30
C GLN F 53 6.38 21.57 -21.66
N VAL F 54 5.76 21.35 -22.82
CA VAL F 54 4.65 22.19 -23.23
C VAL F 54 3.53 21.96 -22.23
N GLU F 55 3.33 20.70 -21.85
CA GLU F 55 2.31 20.36 -20.87
C GLU F 55 2.86 19.47 -19.77
N ASN F 56 2.76 19.94 -18.52
CA ASN F 56 3.21 19.17 -17.37
C ASN F 56 2.05 18.33 -16.88
N THR F 57 2.26 17.02 -16.79
CA THR F 57 1.23 16.11 -16.33
C THR F 57 1.70 15.34 -15.11
N GLY F 58 0.77 14.73 -14.39
CA GLY F 58 1.12 13.98 -13.20
C GLY F 58 -0.07 13.80 -12.29
N ILE F 59 0.11 13.06 -11.19
CA ILE F 59 -0.99 12.82 -10.25
C ILE F 59 -0.98 13.77 -9.06
N HIS F 60 0.01 14.65 -8.98
CA HIS F 60 0.09 15.60 -7.87
C HIS F 60 -0.20 17.02 -8.31
N GLU F 61 -0.77 17.81 -7.40
CA GLU F 61 -1.09 19.20 -7.68
C GLU F 61 -0.71 20.10 -6.52
N PHE F 62 -0.42 21.36 -6.83
CA PHE F 62 -0.07 22.34 -5.81
C PHE F 62 -0.56 23.69 -6.29
N LYS F 63 -1.39 24.35 -5.48
CA LYS F 63 -1.91 25.66 -5.83
C LYS F 63 -1.19 26.75 -5.03
N THR F 64 -0.94 27.88 -5.68
CA THR F 64 -0.27 29.00 -5.02
C THR F 64 -0.55 30.28 -5.82
N ASP F 65 -0.22 31.42 -5.21
CA ASP F 65 -0.41 32.71 -5.89
C ASP F 65 0.94 33.23 -6.37
N VAL F 66 0.94 33.85 -7.54
CA VAL F 66 2.17 34.42 -8.10
C VAL F 66 1.84 35.78 -8.71
N LEU F 67 2.87 36.61 -8.90
CA LEU F 67 2.65 37.93 -9.49
C LEU F 67 2.04 37.81 -10.87
N ALA F 68 1.08 38.68 -11.16
CA ALA F 68 0.41 38.66 -12.45
C ALA F 68 0.47 40.05 -13.09
N GLY F 69 1.12 40.97 -12.40
CA GLY F 69 1.18 42.34 -12.87
C GLY F 69 -0.19 42.94 -12.53
N PRO F 70 -0.45 44.20 -12.87
CA PRO F 70 -1.76 44.76 -12.53
C PRO F 70 -2.88 44.27 -13.46
N LEU F 71 -3.97 43.78 -12.89
CA LEU F 71 -5.12 43.30 -13.65
C LEU F 71 -6.26 44.25 -13.32
N TRP F 72 -6.87 44.84 -14.34
CA TRP F 72 -7.90 45.85 -14.14
C TRP F 72 -9.36 45.44 -14.02
N SER F 73 -9.66 44.15 -14.20
CA SER F 73 -11.04 43.69 -14.08
C SER F 73 -11.08 42.18 -14.14
N ASN F 74 -12.19 41.59 -13.69
CA ASN F 74 -12.30 40.14 -13.74
C ASN F 74 -12.28 39.70 -15.18
N ASP F 75 -12.91 40.47 -16.06
CA ASP F 75 -12.95 40.15 -17.49
C ASP F 75 -11.53 40.01 -18.05
N GLU F 76 -10.67 40.98 -17.71
CA GLU F 76 -9.29 40.95 -18.20
C GLU F 76 -8.51 39.82 -17.53
N ALA F 77 -8.68 39.67 -16.22
CA ALA F 77 -7.98 38.63 -15.48
C ALA F 77 -8.31 37.25 -16.03
N GLN F 78 -9.58 37.03 -16.37
CA GLN F 78 -9.98 35.74 -16.91
C GLN F 78 -9.44 35.56 -18.32
N LYS F 79 -9.23 36.67 -19.02
CA LYS F 79 -8.72 36.63 -20.38
C LYS F 79 -7.22 36.39 -20.42
N LEU F 80 -6.49 37.08 -19.53
CA LEU F 80 -5.04 36.98 -19.49
C LEU F 80 -4.49 35.89 -18.57
N GLY F 81 -5.27 35.53 -17.55
CA GLY F 81 -4.85 34.51 -16.59
C GLY F 81 -4.21 33.27 -17.17
N PRO F 82 -4.84 32.63 -18.16
CA PRO F 82 -4.28 31.41 -18.76
C PRO F 82 -2.86 31.60 -19.30
N GLN F 83 -2.63 32.70 -20.01
CA GLN F 83 -1.30 32.95 -20.57
C GLN F 83 -0.30 33.33 -19.50
N ILE F 84 -0.73 34.08 -18.50
CA ILE F 84 0.19 34.43 -17.42
C ILE F 84 0.59 33.14 -16.67
N ALA F 85 -0.37 32.25 -16.45
CA ALA F 85 -0.08 30.99 -15.76
C ALA F 85 0.88 30.15 -16.62
N ALA F 86 0.68 30.20 -17.93
CA ALA F 86 1.53 29.44 -18.83
C ALA F 86 2.98 29.93 -18.68
N SER F 87 3.15 31.22 -18.43
CA SER F 87 4.50 31.78 -18.27
C SER F 87 5.18 31.27 -17.01
N TYR F 88 4.42 30.63 -16.13
CA TYR F 88 4.98 30.06 -14.90
C TYR F 88 4.99 28.53 -15.03
N GLY F 89 4.64 28.03 -16.20
CA GLY F 89 4.62 26.60 -16.41
C GLY F 89 3.50 25.94 -15.61
N ALA F 90 2.40 26.66 -15.45
CA ALA F 90 1.26 26.15 -14.68
C ALA F 90 -0.06 26.55 -15.31
N GLU F 91 -1.15 26.15 -14.66
CA GLU F 91 -2.50 26.47 -15.13
C GLU F 91 -3.15 27.50 -14.22
N PHE F 92 -4.03 28.31 -14.78
CA PHE F 92 -4.75 29.34 -14.04
C PHE F 92 -6.02 28.69 -13.47
N THR F 93 -6.29 28.91 -12.19
CA THR F 93 -7.45 28.31 -11.55
C THR F 93 -8.70 29.17 -11.70
N GLY F 94 -8.51 30.42 -12.08
CA GLY F 94 -9.64 31.32 -12.22
C GLY F 94 -9.70 32.28 -11.04
N GLN F 95 -9.01 31.95 -9.96
CA GLN F 95 -9.01 32.81 -8.78
C GLN F 95 -7.86 33.80 -8.88
N TRP F 96 -8.13 35.05 -8.50
CA TRP F 96 -7.11 36.10 -8.54
C TRP F 96 -7.55 37.28 -7.68
N ARG F 97 -6.61 38.17 -7.40
CA ARG F 97 -6.93 39.35 -6.61
C ARG F 97 -5.82 40.38 -6.73
N THR F 98 -6.21 41.64 -6.62
CA THR F 98 -5.23 42.73 -6.65
C THR F 98 -4.71 42.86 -5.22
N ILE F 99 -3.39 42.90 -5.06
CA ILE F 99 -2.81 43.01 -3.72
C ILE F 99 -2.40 44.44 -3.38
N VAL F 100 -2.20 45.27 -4.40
CA VAL F 100 -1.86 46.67 -4.19
C VAL F 100 -2.61 47.45 -5.26
N GLU F 101 -3.67 48.16 -4.84
CA GLU F 101 -4.50 48.92 -5.76
C GLU F 101 -3.72 49.69 -6.82
N GLY F 102 -4.09 49.48 -8.08
CA GLY F 102 -3.48 50.14 -9.20
C GLY F 102 -2.00 49.82 -9.44
N VAL F 103 -1.48 48.83 -8.73
CA VAL F 103 -0.07 48.49 -8.88
C VAL F 103 0.24 47.01 -9.16
N MET F 104 -0.36 46.12 -8.39
CA MET F 104 -0.07 44.70 -8.58
C MET F 104 -1.21 43.76 -8.21
N SER F 105 -1.39 42.74 -9.03
CA SER F 105 -2.41 41.72 -8.79
C SER F 105 -1.67 40.39 -8.81
N VAL F 106 -2.32 39.34 -8.30
CA VAL F 106 -1.74 38.00 -8.31
C VAL F 106 -2.79 37.04 -8.81
N ILE F 107 -2.36 35.94 -9.41
CA ILE F 107 -3.30 34.93 -9.88
C ILE F 107 -2.98 33.62 -9.17
N GLN F 108 -4.00 32.81 -8.95
CA GLN F 108 -3.77 31.51 -8.34
C GLN F 108 -3.45 30.56 -9.49
N ILE F 109 -2.32 29.89 -9.39
CA ILE F 109 -1.94 28.93 -10.43
C ILE F 109 -1.94 27.56 -9.82
N LYS F 110 -2.02 26.54 -10.68
CA LYS F 110 -2.04 25.17 -10.24
C LYS F 110 -0.94 24.39 -10.93
N TYR F 111 0.04 23.94 -10.15
CA TYR F 111 1.13 23.14 -10.70
C TYR F 111 0.69 21.69 -10.71
N THR F 112 1.12 20.93 -11.70
CA THR F 112 0.80 19.52 -11.78
C THR F 112 2.13 18.82 -12.01
N PHE F 113 2.45 17.86 -11.14
CA PHE F 113 3.71 17.14 -11.25
C PHE F 113 3.58 15.69 -10.82
N ALA G 1 -2.60 -4.20 6.26
CA ALA G 1 -3.30 -2.99 6.77
C ALA G 1 -4.81 -3.18 6.72
N SER G 2 -5.51 -2.47 7.60
CA SER G 2 -6.96 -2.57 7.67
C SER G 2 -7.65 -1.27 7.27
N TYR G 3 -8.87 -1.40 6.78
CA TYR G 3 -9.64 -0.23 6.40
C TYR G 3 -11.11 -0.59 6.61
N LYS G 4 -11.95 0.43 6.74
CA LYS G 4 -13.36 0.19 6.99
C LYS G 4 -14.29 0.63 5.88
N VAL G 5 -15.41 -0.08 5.77
CA VAL G 5 -16.47 0.24 4.82
C VAL G 5 -17.77 -0.24 5.45
N ASN G 6 -18.88 0.35 5.03
CA ASN G 6 -20.18 -0.07 5.53
C ASN G 6 -20.71 -1.08 4.52
N ILE G 7 -21.23 -2.19 5.03
CA ILE G 7 -21.76 -3.23 4.17
C ILE G 7 -23.25 -3.40 4.47
N PRO G 8 -24.08 -3.56 3.43
CA PRO G 8 -25.53 -3.75 3.59
C PRO G 8 -25.83 -4.99 4.41
N ALA G 9 -26.86 -4.95 5.25
CA ALA G 9 -27.23 -6.09 6.08
C ALA G 9 -28.73 -6.31 6.06
N GLY G 10 -29.43 -5.56 5.21
CA GLY G 10 -30.87 -5.67 5.17
C GLY G 10 -31.32 -4.81 6.33
N PRO G 11 -32.62 -4.74 6.63
CA PRO G 11 -33.05 -3.90 7.75
C PRO G 11 -32.70 -4.49 9.10
N LEU G 12 -32.13 -3.67 9.98
CA LEU G 12 -31.79 -4.08 11.34
C LEU G 12 -32.71 -3.23 12.23
N TRP G 13 -33.52 -3.90 13.04
CA TRP G 13 -34.49 -3.19 13.86
C TRP G 13 -34.09 -2.71 15.25
N SER G 14 -32.86 -3.00 15.66
CA SER G 14 -32.39 -2.56 16.97
C SER G 14 -30.89 -2.77 17.08
N ASN G 15 -30.27 -2.10 18.03
CA ASN G 15 -28.84 -2.26 18.24
C ASN G 15 -28.61 -3.72 18.64
N ALA G 16 -29.48 -4.24 19.50
CA ALA G 16 -29.36 -5.63 19.95
C ALA G 16 -29.27 -6.58 18.75
N GLU G 17 -30.12 -6.39 17.75
CA GLU G 17 -30.08 -7.26 16.59
C GLU G 17 -28.80 -7.04 15.77
N ALA G 18 -28.48 -5.77 15.54
CA ALA G 18 -27.28 -5.42 14.78
C ALA G 18 -26.01 -5.99 15.38
N GLN G 19 -25.89 -5.98 16.70
CA GLN G 19 -24.70 -6.51 17.34
C GLN G 19 -24.58 -8.01 17.13
N GLN G 20 -25.71 -8.67 16.91
CA GLN G 20 -25.72 -10.11 16.66
C GLN G 20 -25.50 -10.44 15.19
N VAL G 21 -26.10 -9.64 14.31
CA VAL G 21 -26.00 -9.86 12.86
C VAL G 21 -24.72 -9.29 12.25
N GLY G 22 -24.27 -8.14 12.74
CA GLY G 22 -23.07 -7.52 12.22
C GLY G 22 -21.89 -8.47 12.07
N PRO G 23 -21.61 -9.29 13.09
CA PRO G 23 -20.49 -10.25 13.02
C PRO G 23 -20.64 -11.25 11.89
N LYS G 24 -21.88 -11.69 11.64
CA LYS G 24 -22.14 -12.67 10.59
C LYS G 24 -21.90 -12.08 9.21
N ILE G 25 -22.33 -10.83 9.02
CA ILE G 25 -22.12 -10.15 7.75
C ILE G 25 -20.62 -9.97 7.55
N ALA G 26 -19.93 -9.54 8.60
CA ALA G 26 -18.48 -9.33 8.52
C ALA G 26 -17.74 -10.59 8.13
N ALA G 27 -18.06 -11.71 8.76
CA ALA G 27 -17.40 -12.98 8.47
C ALA G 27 -17.58 -13.39 7.01
N ALA G 28 -18.77 -13.15 6.46
CA ALA G 28 -19.04 -13.49 5.07
C ALA G 28 -18.19 -12.65 4.12
N HIS G 29 -17.74 -11.50 4.61
CA HIS G 29 -16.91 -10.60 3.80
C HIS G 29 -15.47 -10.56 4.30
N GLN G 30 -15.07 -11.62 5.00
CA GLN G 30 -13.70 -11.72 5.51
C GLN G 30 -13.23 -10.53 6.30
N GLY G 31 -14.11 -10.00 7.15
CA GLY G 31 -13.74 -8.85 7.96
C GLY G 31 -14.22 -8.98 9.39
N ASN G 32 -14.04 -7.91 10.15
CA ASN G 32 -14.48 -7.87 11.55
C ASN G 32 -15.45 -6.71 11.74
N PHE G 33 -16.57 -7.01 12.38
CA PHE G 33 -17.59 -6.00 12.67
C PHE G 33 -17.08 -5.15 13.82
N THR G 34 -17.09 -3.83 13.64
CA THR G 34 -16.58 -2.92 14.65
C THR G 34 -17.58 -2.54 15.73
N GLY G 35 -18.85 -2.86 15.49
CA GLY G 35 -19.87 -2.53 16.46
C GLY G 35 -20.68 -1.34 15.98
N GLN G 36 -20.10 -0.58 15.04
CA GLN G 36 -20.77 0.60 14.49
C GLN G 36 -21.70 0.18 13.34
N TRP G 37 -22.88 0.77 13.30
CA TRP G 37 -23.84 0.47 12.25
C TRP G 37 -24.92 1.56 12.25
N THR G 38 -25.70 1.60 11.18
CA THR G 38 -26.78 2.58 11.11
C THR G 38 -27.80 2.21 10.04
N THR G 39 -29.04 2.63 10.25
CA THR G 39 -30.08 2.38 9.29
C THR G 39 -29.99 3.51 8.28
N VAL G 40 -29.98 3.16 6.99
CA VAL G 40 -29.86 4.16 5.94
C VAL G 40 -31.16 4.43 5.22
N VAL G 41 -32.09 3.49 5.29
CA VAL G 41 -33.41 3.65 4.70
C VAL G 41 -34.39 3.11 5.73
N GLU G 42 -35.19 4.01 6.31
CA GLU G 42 -36.14 3.63 7.34
C GLU G 42 -36.95 2.37 6.99
N SER G 43 -36.94 1.41 7.91
CA SER G 43 -37.67 0.15 7.75
C SER G 43 -37.26 -0.71 6.56
N ALA G 44 -36.16 -0.39 5.90
CA ALA G 44 -35.80 -1.18 4.72
C ALA G 44 -34.34 -1.56 4.55
N MET G 45 -33.43 -0.76 5.08
CA MET G 45 -32.01 -1.09 4.91
C MET G 45 -31.12 -0.46 5.96
N SER G 46 -30.20 -1.28 6.47
CA SER G 46 -29.24 -0.82 7.47
C SER G 46 -27.86 -1.31 7.00
N VAL G 47 -26.80 -0.65 7.45
CA VAL G 47 -25.45 -1.07 7.07
C VAL G 47 -24.61 -1.28 8.32
N VAL G 48 -23.60 -2.14 8.22
CA VAL G 48 -22.72 -2.43 9.34
C VAL G 48 -21.28 -2.12 8.96
N GLU G 49 -20.54 -1.50 9.87
CA GLU G 49 -19.15 -1.15 9.59
C GLU G 49 -18.29 -2.39 9.75
N VAL G 50 -17.57 -2.72 8.69
CA VAL G 50 -16.69 -3.89 8.70
C VAL G 50 -15.26 -3.50 8.36
N GLU G 51 -14.31 -3.99 9.15
CA GLU G 51 -12.91 -3.70 8.89
C GLU G 51 -12.39 -4.81 8.00
N LEU G 52 -11.84 -4.41 6.86
CA LEU G 52 -11.32 -5.34 5.87
C LEU G 52 -9.80 -5.26 5.79
N GLN G 53 -9.20 -6.28 5.19
CA GLN G 53 -7.75 -6.32 5.00
C GLN G 53 -7.38 -5.95 3.58
N VAL G 54 -6.28 -5.23 3.42
CA VAL G 54 -5.83 -4.85 2.09
C VAL G 54 -5.53 -6.12 1.32
N GLU G 55 -4.94 -7.09 2.01
CA GLU G 55 -4.60 -8.36 1.40
C GLU G 55 -5.20 -9.51 2.20
N ASN G 56 -6.02 -10.33 1.55
CA ASN G 56 -6.61 -11.47 2.23
C ASN G 56 -5.66 -12.65 2.07
N THR G 57 -5.26 -13.22 3.19
CA THR G 57 -4.34 -14.34 3.18
C THR G 57 -4.92 -15.57 3.87
N GLY G 58 -4.37 -16.73 3.54
CA GLY G 58 -4.83 -17.98 4.12
C GLY G 58 -4.34 -19.15 3.30
N ILE G 59 -4.68 -20.37 3.71
CA ILE G 59 -4.24 -21.56 3.00
C ILE G 59 -5.34 -22.18 2.15
N HIS G 60 -6.54 -21.59 2.18
CA HIS G 60 -7.65 -22.10 1.40
C HIS G 60 -8.05 -21.09 0.34
N GLU G 61 -8.76 -21.57 -0.69
CA GLU G 61 -9.22 -20.69 -1.76
C GLU G 61 -10.57 -21.18 -2.27
N PHE G 62 -11.25 -20.31 -3.01
CA PHE G 62 -12.54 -20.62 -3.59
C PHE G 62 -12.78 -19.67 -4.76
N LYS G 63 -13.04 -20.24 -5.94
CA LYS G 63 -13.30 -19.43 -7.13
C LYS G 63 -14.78 -19.45 -7.44
N THR G 64 -15.28 -18.34 -7.99
CA THR G 64 -16.68 -18.23 -8.34
C THR G 64 -16.84 -17.05 -9.28
N ASP G 65 -18.01 -16.95 -9.91
CA ASP G 65 -18.30 -15.85 -10.81
C ASP G 65 -19.19 -14.86 -10.07
N VAL G 66 -18.97 -13.56 -10.30
CA VAL G 66 -19.79 -12.52 -9.69
C VAL G 66 -20.05 -11.45 -10.74
N LEU G 67 -21.06 -10.62 -10.52
CA LEU G 67 -21.38 -9.57 -11.48
C LEU G 67 -20.21 -8.62 -11.68
N ALA G 68 -20.00 -8.22 -12.93
CA ALA G 68 -18.91 -7.30 -13.25
C ALA G 68 -19.47 -6.11 -14.01
N GLY G 69 -20.78 -6.09 -14.22
CA GLY G 69 -21.40 -5.03 -14.98
C GLY G 69 -21.10 -5.39 -16.42
N PRO G 70 -21.64 -4.66 -17.41
CA PRO G 70 -21.31 -5.06 -18.78
C PRO G 70 -19.85 -4.73 -19.12
N LEU G 71 -19.13 -5.70 -19.68
CA LEU G 71 -17.74 -5.49 -20.08
C LEU G 71 -17.77 -5.64 -21.60
N TRP G 72 -17.28 -4.62 -22.29
CA TRP G 72 -17.35 -4.60 -23.75
C TRP G 72 -16.23 -5.19 -24.60
N SER G 73 -15.20 -5.73 -23.96
CA SER G 73 -14.10 -6.34 -24.69
C SER G 73 -13.13 -6.99 -23.73
N ASN G 74 -12.28 -7.87 -24.26
CA ASN G 74 -11.30 -8.54 -23.42
C ASN G 74 -10.30 -7.50 -22.92
N ASP G 75 -9.97 -6.53 -23.78
CA ASP G 75 -9.01 -5.50 -23.38
C ASP G 75 -9.54 -4.76 -22.15
N GLU G 76 -10.82 -4.39 -22.18
CA GLU G 76 -11.39 -3.68 -21.05
C GLU G 76 -11.49 -4.59 -19.83
N ALA G 77 -11.95 -5.81 -20.04
CA ALA G 77 -12.09 -6.78 -18.95
C ALA G 77 -10.77 -7.04 -18.24
N GLN G 78 -9.69 -7.17 -19.01
CA GLN G 78 -8.38 -7.42 -18.42
C GLN G 78 -7.90 -6.22 -17.62
N LYS G 79 -8.29 -5.03 -18.06
CA LYS G 79 -7.90 -3.80 -17.38
C LYS G 79 -8.70 -3.59 -16.09
N LEU G 80 -10.02 -3.71 -16.18
CA LEU G 80 -10.92 -3.50 -15.05
C LEU G 80 -11.06 -4.68 -14.09
N GLY G 81 -10.94 -5.89 -14.60
CA GLY G 81 -11.09 -7.07 -13.77
C GLY G 81 -10.43 -7.06 -12.40
N PRO G 82 -9.14 -6.69 -12.32
CA PRO G 82 -8.45 -6.66 -11.02
C PRO G 82 -9.11 -5.69 -10.02
N GLN G 83 -9.57 -4.56 -10.53
CA GLN G 83 -10.21 -3.56 -9.70
C GLN G 83 -11.60 -4.01 -9.29
N ILE G 84 -12.32 -4.66 -10.21
CA ILE G 84 -13.64 -5.15 -9.89
C ILE G 84 -13.51 -6.27 -8.87
N ALA G 85 -12.51 -7.14 -9.05
CA ALA G 85 -12.29 -8.25 -8.12
C ALA G 85 -11.94 -7.69 -6.74
N ALA G 86 -11.18 -6.60 -6.71
CA ALA G 86 -10.81 -5.98 -5.45
C ALA G 86 -12.07 -5.46 -4.74
N SER G 87 -13.07 -5.03 -5.51
CA SER G 87 -14.30 -4.51 -4.93
C SER G 87 -15.10 -5.61 -4.24
N TYR G 88 -14.70 -6.87 -4.47
CA TYR G 88 -15.33 -8.03 -3.86
C TYR G 88 -14.40 -8.65 -2.83
N GLY G 89 -13.28 -7.98 -2.56
CA GLY G 89 -12.32 -8.50 -1.61
C GLY G 89 -11.68 -9.78 -2.13
N ALA G 90 -11.45 -9.84 -3.44
CA ALA G 90 -10.84 -11.02 -4.05
C ALA G 90 -9.89 -10.66 -5.17
N GLU G 91 -9.35 -11.69 -5.82
CA GLU G 91 -8.43 -11.51 -6.94
C GLU G 91 -9.12 -11.94 -8.23
N PHE G 92 -8.72 -11.31 -9.33
CA PHE G 92 -9.26 -11.62 -10.65
C PHE G 92 -8.40 -12.73 -11.24
N THR G 93 -9.03 -13.77 -11.79
CA THR G 93 -8.26 -14.87 -12.37
C THR G 93 -7.93 -14.65 -13.84
N GLY G 94 -8.61 -13.69 -14.46
CA GLY G 94 -8.38 -13.43 -15.87
C GLY G 94 -9.53 -13.97 -16.71
N GLN G 95 -10.30 -14.88 -16.12
CA GLN G 95 -11.43 -15.48 -16.83
C GLN G 95 -12.69 -14.64 -16.62
N TRP G 96 -13.46 -14.45 -17.69
CA TRP G 96 -14.69 -13.66 -17.61
C TRP G 96 -15.54 -13.93 -18.83
N ARG G 97 -16.82 -13.57 -18.76
CA ARG G 97 -17.70 -13.75 -19.89
C ARG G 97 -18.98 -12.94 -19.73
N THR G 98 -19.61 -12.62 -20.85
CA THR G 98 -20.85 -11.87 -20.85
C THR G 98 -21.99 -12.88 -20.74
N ILE G 99 -22.89 -12.67 -19.79
CA ILE G 99 -24.00 -13.58 -19.60
C ILE G 99 -25.29 -13.10 -20.26
N VAL G 100 -25.36 -11.81 -20.54
CA VAL G 100 -26.51 -11.21 -21.23
C VAL G 100 -25.98 -10.12 -22.14
N GLU G 101 -25.93 -10.41 -23.44
CA GLU G 101 -25.41 -9.46 -24.43
C GLU G 101 -25.92 -8.04 -24.24
N GLY G 102 -24.98 -7.09 -24.23
CA GLY G 102 -25.31 -5.70 -24.08
C GLY G 102 -25.87 -5.29 -22.72
N VAL G 103 -25.84 -6.21 -21.75
CA VAL G 103 -26.40 -5.90 -20.43
C VAL G 103 -25.54 -6.27 -19.22
N MET G 104 -24.99 -7.48 -19.22
CA MET G 104 -24.20 -7.91 -18.08
C MET G 104 -23.12 -8.95 -18.37
N SER G 105 -22.00 -8.82 -17.66
CA SER G 105 -20.88 -9.74 -17.79
C SER G 105 -20.51 -10.15 -16.37
N VAL G 106 -19.74 -11.21 -16.24
CA VAL G 106 -19.30 -11.67 -14.93
C VAL G 106 -17.82 -11.95 -15.04
N ILE G 107 -17.11 -11.86 -13.91
CA ILE G 107 -15.69 -12.15 -13.88
C ILE G 107 -15.49 -13.26 -12.86
N GLN G 108 -14.48 -14.08 -13.07
CA GLN G 108 -14.19 -15.13 -12.11
C GLN G 108 -13.23 -14.55 -11.08
N ILE G 109 -13.56 -14.69 -9.81
CA ILE G 109 -12.71 -14.18 -8.76
C ILE G 109 -12.23 -15.34 -7.91
N LYS G 110 -11.15 -15.10 -7.19
CA LYS G 110 -10.59 -16.12 -6.34
C LYS G 110 -10.45 -15.57 -4.93
N TYR G 111 -11.14 -16.18 -3.99
CA TYR G 111 -11.06 -15.77 -2.60
C TYR G 111 -9.95 -16.59 -1.95
N THR G 112 -9.23 -15.98 -1.04
CA THR G 112 -8.18 -16.67 -0.29
C THR G 112 -8.58 -16.46 1.16
N PHE G 113 -8.65 -17.53 1.94
CA PHE G 113 -9.05 -17.43 3.34
C PHE G 113 -8.43 -18.52 4.20
N ALA H 1 -36.21 3.10 -3.29
CA ALA H 1 -35.32 3.83 -2.34
C ALA H 1 -33.86 3.45 -2.56
N SER H 2 -32.96 4.34 -2.20
CA SER H 2 -31.53 4.07 -2.38
C SER H 2 -30.74 4.50 -1.15
N TYR H 3 -29.49 4.07 -1.10
CA TYR H 3 -28.59 4.40 0.01
C TYR H 3 -27.17 4.37 -0.53
N LYS H 4 -26.22 4.88 0.25
CA LYS H 4 -24.83 4.91 -0.19
C LYS H 4 -23.87 4.21 0.77
N VAL H 5 -22.82 3.63 0.20
CA VAL H 5 -21.78 2.96 0.96
C VAL H 5 -20.50 3.06 0.15
N ASN H 6 -19.36 2.92 0.82
CA ASN H 6 -18.08 2.95 0.13
C ASN H 6 -17.75 1.51 -0.25
N ILE H 7 -17.28 1.32 -1.48
CA ILE H 7 -16.91 -0.01 -1.95
C ILE H 7 -15.42 0.00 -2.34
N PRO H 8 -14.68 -1.06 -1.96
CA PRO H 8 -13.25 -1.12 -2.29
C PRO H 8 -13.03 -1.09 -3.80
N ALA H 9 -11.90 -0.52 -4.23
CA ALA H 9 -11.60 -0.45 -5.66
C ALA H 9 -10.12 -0.72 -5.91
N GLY H 10 -9.41 -1.12 -4.87
CA GLY H 10 -7.99 -1.33 -5.00
C GLY H 10 -7.40 0.06 -4.92
N PRO H 11 -6.07 0.21 -5.04
CA PRO H 11 -5.52 1.57 -4.96
C PRO H 11 -5.89 2.39 -6.20
N LEU H 12 -6.30 3.64 -5.98
CA LEU H 12 -6.63 4.56 -7.06
C LEU H 12 -5.60 5.68 -6.91
N TRP H 13 -4.84 5.93 -7.96
CA TRP H 13 -3.75 6.90 -7.90
C TRP H 13 -4.02 8.38 -8.18
N SER H 14 -5.22 8.72 -8.61
CA SER H 14 -5.57 10.11 -8.88
C SER H 14 -7.07 10.23 -9.02
N ASN H 15 -7.58 11.44 -8.83
CA ASN H 15 -9.01 11.67 -8.97
C ASN H 15 -9.41 11.32 -10.40
N ALA H 16 -8.53 11.62 -11.35
CA ALA H 16 -8.80 11.33 -12.75
C ALA H 16 -9.09 9.85 -12.94
N GLU H 17 -8.24 8.99 -12.36
CA GLU H 17 -8.47 7.56 -12.51
C GLU H 17 -9.75 7.16 -11.79
N ALA H 18 -9.93 7.64 -10.57
CA ALA H 18 -11.10 7.30 -9.76
C ALA H 18 -12.41 7.64 -10.43
N GLN H 19 -12.48 8.80 -11.07
CA GLN H 19 -13.72 9.21 -11.73
C GLN H 19 -14.05 8.29 -12.90
N GLN H 20 -13.04 7.66 -13.48
CA GLN H 20 -13.24 6.74 -14.60
C GLN H 20 -13.49 5.31 -14.16
N VAL H 21 -12.86 4.92 -13.05
CA VAL H 21 -13.01 3.56 -12.52
C VAL H 21 -14.23 3.43 -11.60
N GLY H 22 -14.55 4.51 -10.90
CA GLY H 22 -15.69 4.49 -9.99
C GLY H 22 -16.96 3.96 -10.62
N PRO H 23 -17.36 4.46 -11.81
CA PRO H 23 -18.57 4.00 -12.48
C PRO H 23 -18.54 2.52 -12.81
N LYS H 24 -17.35 1.99 -13.11
CA LYS H 24 -17.21 0.59 -13.43
C LYS H 24 -17.38 -0.28 -12.20
N ILE H 25 -16.90 0.19 -11.06
CA ILE H 25 -17.04 -0.55 -9.81
C ILE H 25 -18.52 -0.54 -9.44
N ALA H 26 -19.14 0.63 -9.58
CA ALA H 26 -20.56 0.80 -9.27
C ALA H 26 -21.42 -0.13 -10.11
N ALA H 27 -21.15 -0.18 -11.41
CA ALA H 27 -21.92 -1.05 -12.31
C ALA H 27 -21.84 -2.51 -11.89
N ALA H 28 -20.67 -2.94 -11.46
CA ALA H 28 -20.47 -4.32 -11.03
C ALA H 28 -21.31 -4.65 -9.80
N HIS H 29 -21.66 -3.61 -9.04
CA HIS H 29 -22.46 -3.78 -7.85
C HIS H 29 -23.86 -3.19 -8.03
N GLN H 30 -24.27 -3.09 -9.28
CA GLN H 30 -25.60 -2.56 -9.62
C GLN H 30 -25.94 -1.23 -8.94
N GLY H 31 -24.97 -0.33 -8.90
CA GLY H 31 -25.21 0.97 -8.28
C GLY H 31 -24.73 2.11 -9.15
N ASN H 32 -24.71 3.31 -8.58
CA ASN H 32 -24.23 4.48 -9.30
C ASN H 32 -23.15 5.18 -8.50
N PHE H 33 -22.02 5.41 -9.15
CA PHE H 33 -20.90 6.11 -8.52
C PHE H 33 -21.33 7.55 -8.28
N THR H 34 -21.10 8.04 -7.07
CA THR H 34 -21.50 9.41 -6.71
C THR H 34 -20.47 10.47 -7.06
N GLY H 35 -19.24 10.04 -7.35
CA GLY H 35 -18.19 10.99 -7.65
C GLY H 35 -17.26 11.15 -6.46
N GLN H 36 -17.72 10.70 -5.29
CA GLN H 36 -16.94 10.78 -4.06
C GLN H 36 -16.12 9.51 -3.85
N TRP H 37 -14.88 9.68 -3.41
CA TRP H 37 -14.00 8.54 -3.18
C TRP H 37 -12.81 9.02 -2.36
N THR H 38 -12.04 8.07 -1.84
CA THR H 38 -10.87 8.43 -1.08
C THR H 38 -9.97 7.23 -0.85
N THR H 39 -8.67 7.50 -0.73
CA THR H 39 -7.71 6.44 -0.48
C THR H 39 -7.79 6.22 1.02
N VAL H 40 -7.87 4.95 1.43
CA VAL H 40 -7.96 4.61 2.83
C VAL H 40 -6.66 4.05 3.42
N VAL H 41 -5.79 3.54 2.54
CA VAL H 41 -4.48 3.04 2.95
C VAL H 41 -3.49 3.53 1.89
N GLU H 42 -2.59 4.43 2.29
CA GLU H 42 -1.62 5.01 1.37
C GLU H 42 -1.00 3.98 0.42
N SER H 43 -1.08 4.27 -0.87
CA SER H 43 -0.54 3.43 -1.93
C SER H 43 -0.95 1.97 -1.87
N ALA H 44 -2.13 1.67 -1.31
CA ALA H 44 -2.56 0.29 -1.22
C ALA H 44 -4.05 0.06 -1.38
N MET H 45 -4.86 1.03 -0.96
CA MET H 45 -6.30 0.84 -1.07
C MET H 45 -7.09 2.14 -1.07
N SER H 46 -8.07 2.20 -1.96
CA SER H 46 -8.96 3.35 -2.09
C SER H 46 -10.39 2.81 -2.14
N VAL H 47 -11.37 3.64 -1.80
CA VAL H 47 -12.76 3.22 -1.84
C VAL H 47 -13.58 4.22 -2.66
N VAL H 48 -14.68 3.77 -3.25
CA VAL H 48 -15.52 4.66 -4.04
C VAL H 48 -16.95 4.61 -3.49
N GLU H 49 -17.59 5.78 -3.39
CA GLU H 49 -18.95 5.84 -2.86
C GLU H 49 -19.93 5.44 -3.95
N VAL H 50 -20.78 4.49 -3.62
CA VAL H 50 -21.75 3.98 -4.55
C VAL H 50 -23.15 4.02 -3.99
N GLU H 51 -24.08 4.54 -4.79
CA GLU H 51 -25.48 4.62 -4.39
C GLU H 51 -26.11 3.31 -4.85
N LEU H 52 -26.66 2.56 -3.90
CA LEU H 52 -27.28 1.29 -4.21
C LEU H 52 -28.79 1.35 -4.03
N GLN H 53 -29.49 0.44 -4.70
CA GLN H 53 -30.94 0.35 -4.61
C GLN H 53 -31.27 -0.66 -3.52
N VAL H 54 -32.30 -0.38 -2.74
CA VAL H 54 -32.70 -1.31 -1.68
C VAL H 54 -33.08 -2.64 -2.32
N GLU H 55 -33.86 -2.56 -3.40
CA GLU H 55 -34.30 -3.74 -4.13
C GLU H 55 -33.87 -3.66 -5.59
N ASN H 56 -33.15 -4.67 -6.04
CA ASN H 56 -32.71 -4.71 -7.44
C ASN H 56 -33.75 -5.42 -8.26
N THR H 57 -34.23 -4.75 -9.30
CA THR H 57 -35.25 -5.33 -10.17
C THR H 57 -34.74 -5.54 -11.59
N GLY H 58 -35.54 -6.23 -12.40
CA GLY H 58 -35.16 -6.50 -13.77
C GLY H 58 -35.71 -7.84 -14.19
N ILE H 59 -35.47 -8.21 -15.45
CA ILE H 59 -35.96 -9.48 -15.97
C ILE H 59 -34.91 -10.59 -16.03
N HIS H 60 -33.66 -10.25 -15.77
CA HIS H 60 -32.59 -11.25 -15.83
C HIS H 60 -32.15 -11.70 -14.45
N GLU H 61 -31.55 -12.88 -14.38
CA GLU H 61 -31.07 -13.42 -13.11
C GLU H 61 -29.78 -14.20 -13.31
N PHE H 62 -28.95 -14.23 -12.28
CA PHE H 62 -27.70 -14.98 -12.31
C PHE H 62 -27.48 -15.51 -10.91
N LYS H 63 -27.28 -16.83 -10.81
CA LYS H 63 -27.05 -17.49 -9.54
C LYS H 63 -25.59 -17.89 -9.43
N THR H 64 -25.04 -17.82 -8.22
CA THR H 64 -23.64 -18.16 -7.97
C THR H 64 -23.44 -18.35 -6.47
N ASP H 65 -22.31 -18.94 -6.08
CA ASP H 65 -22.00 -19.14 -4.66
C ASP H 65 -21.00 -18.08 -4.21
N VAL H 66 -21.19 -17.56 -3.00
CA VAL H 66 -20.28 -16.57 -2.44
C VAL H 66 -20.00 -16.93 -0.99
N LEU H 67 -18.91 -16.40 -0.44
CA LEU H 67 -18.55 -16.67 0.95
C LEU H 67 -19.68 -16.25 1.89
N ALA H 68 -19.93 -17.09 2.90
CA ALA H 68 -20.98 -16.82 3.87
C ALA H 68 -20.42 -16.90 5.28
N GLY H 69 -19.13 -17.16 5.38
CA GLY H 69 -18.51 -17.31 6.68
C GLY H 69 -18.90 -18.70 7.14
N PRO H 70 -18.36 -19.20 8.26
CA PRO H 70 -18.75 -20.55 8.67
C PRO H 70 -20.20 -20.58 9.15
N LEU H 71 -20.97 -21.51 8.59
CA LEU H 71 -22.37 -21.69 8.97
C LEU H 71 -22.42 -23.07 9.61
N TRP H 72 -22.93 -23.15 10.83
CA TRP H 72 -22.94 -24.40 11.56
C TRP H 72 -24.13 -25.33 11.45
N SER H 73 -25.25 -24.83 10.94
CA SER H 73 -26.45 -25.66 10.78
C SER H 73 -27.38 -25.08 9.74
N ASN H 74 -28.26 -25.92 9.20
CA ASN H 74 -29.21 -25.47 8.22
C ASN H 74 -30.16 -24.48 8.87
N ASP H 75 -30.45 -24.70 10.16
CA ASP H 75 -31.33 -23.79 10.89
C ASP H 75 -30.73 -22.39 10.89
N GLU H 76 -29.43 -22.30 11.15
CA GLU H 76 -28.78 -21.00 11.18
C GLU H 76 -28.65 -20.41 9.77
N ALA H 77 -28.37 -21.28 8.80
CA ALA H 77 -28.22 -20.84 7.43
C ALA H 77 -29.50 -20.23 6.86
N GLN H 78 -30.64 -20.87 7.13
CA GLN H 78 -31.91 -20.35 6.63
C GLN H 78 -32.27 -19.04 7.30
N LYS H 79 -31.72 -18.83 8.49
CA LYS H 79 -31.96 -17.62 9.27
C LYS H 79 -31.05 -16.48 8.80
N LEU H 80 -29.77 -16.80 8.59
CA LEU H 80 -28.80 -15.78 8.17
C LEU H 80 -28.66 -15.60 6.66
N GLY H 81 -28.99 -16.65 5.90
CA GLY H 81 -28.88 -16.58 4.45
C GLY H 81 -29.39 -15.31 3.79
N PRO H 82 -30.64 -14.92 4.04
CA PRO H 82 -31.23 -13.71 3.45
C PRO H 82 -30.42 -12.45 3.76
N GLN H 83 -29.98 -12.33 5.00
CA GLN H 83 -29.21 -11.16 5.40
C GLN H 83 -27.83 -11.16 4.76
N ILE H 84 -27.19 -12.33 4.72
CA ILE H 84 -25.88 -12.44 4.09
C ILE H 84 -26.05 -12.14 2.59
N ALA H 85 -27.10 -12.68 1.99
CA ALA H 85 -27.35 -12.45 0.57
C ALA H 85 -27.53 -10.96 0.33
N ALA H 86 -28.26 -10.30 1.22
CA ALA H 86 -28.50 -8.86 1.09
C ALA H 86 -27.19 -8.08 1.13
N SER H 87 -26.20 -8.58 1.88
CA SER H 87 -24.92 -7.90 1.97
C SER H 87 -24.18 -7.96 0.65
N TYR H 88 -24.72 -8.74 -0.29
CA TYR H 88 -24.14 -8.89 -1.62
C TYR H 88 -25.08 -8.23 -2.65
N GLY H 89 -26.12 -7.57 -2.16
CA GLY H 89 -27.07 -6.93 -3.06
C GLY H 89 -27.84 -7.99 -3.85
N ALA H 90 -28.16 -9.10 -3.20
CA ALA H 90 -28.89 -10.18 -3.86
C ALA H 90 -29.82 -10.95 -2.92
N GLU H 91 -30.46 -11.99 -3.46
CA GLU H 91 -31.37 -12.82 -2.68
C GLU H 91 -30.76 -14.19 -2.39
N PHE H 92 -31.18 -14.77 -1.27
CA PHE H 92 -30.73 -16.10 -0.86
C PHE H 92 -31.70 -17.11 -1.48
N THR H 93 -31.19 -18.12 -2.15
CA THR H 93 -32.06 -19.11 -2.79
C THR H 93 -32.45 -20.24 -1.84
N GLY H 94 -31.74 -20.34 -0.71
CA GLY H 94 -32.03 -21.38 0.24
C GLY H 94 -30.97 -22.47 0.23
N GLN H 95 -30.20 -22.54 -0.86
CA GLN H 95 -29.15 -23.55 -0.99
C GLN H 95 -27.83 -23.02 -0.42
N TRP H 96 -27.08 -23.88 0.24
CA TRP H 96 -25.81 -23.50 0.84
C TRP H 96 -25.04 -24.76 1.26
N ARG H 97 -23.74 -24.63 1.45
CA ARG H 97 -22.93 -25.78 1.87
C ARG H 97 -21.58 -25.32 2.40
N THR H 98 -21.04 -26.08 3.34
CA THR H 98 -19.74 -25.78 3.92
C THR H 98 -18.70 -26.32 2.96
N ILE H 99 -17.72 -25.49 2.60
CA ILE H 99 -16.67 -25.90 1.67
C ILE H 99 -15.38 -26.28 2.41
N VAL H 100 -15.22 -25.75 3.61
CA VAL H 100 -14.06 -26.08 4.44
C VAL H 100 -14.62 -26.28 5.84
N GLU H 101 -14.75 -27.55 6.22
CA GLU H 101 -15.28 -27.91 7.53
C GLU H 101 -14.66 -27.07 8.64
N GLY H 102 -15.51 -26.54 9.51
CA GLY H 102 -15.04 -25.72 10.61
C GLY H 102 -14.40 -24.40 10.24
N VAL H 103 -14.43 -24.03 8.95
CA VAL H 103 -13.82 -22.78 8.54
C VAL H 103 -14.64 -21.87 7.63
N MET H 104 -15.17 -22.41 6.55
CA MET H 104 -15.93 -21.59 5.62
C MET H 104 -17.09 -22.30 4.93
N SER H 105 -18.19 -21.56 4.75
CA SER H 105 -19.36 -22.08 4.08
C SER H 105 -19.73 -21.07 3.00
N VAL H 106 -20.57 -21.48 2.06
CA VAL H 106 -21.00 -20.58 1.01
C VAL H 106 -22.51 -20.66 0.88
N ILE H 107 -23.11 -19.61 0.35
CA ILE H 107 -24.54 -19.62 0.14
C ILE H 107 -24.77 -19.29 -1.33
N GLN H 108 -25.80 -19.88 -1.92
CA GLN H 108 -26.10 -19.59 -3.30
C GLN H 108 -26.96 -18.35 -3.29
N ILE H 109 -26.56 -17.35 -4.05
CA ILE H 109 -27.32 -16.13 -4.12
C ILE H 109 -27.87 -15.98 -5.53
N LYS H 110 -28.89 -15.16 -5.67
CA LYS H 110 -29.49 -14.92 -6.97
C LYS H 110 -29.52 -13.43 -7.23
N TYR H 111 -28.80 -13.00 -8.27
CA TYR H 111 -28.78 -11.60 -8.65
C TYR H 111 -29.94 -11.38 -9.61
N THR H 112 -30.54 -10.20 -9.55
CA THR H 112 -31.62 -9.83 -10.45
C THR H 112 -31.17 -8.52 -11.10
N PHE H 113 -31.09 -8.50 -12.42
CA PHE H 113 -30.64 -7.31 -13.14
C PHE H 113 -31.35 -7.16 -14.48
C1 NAG I . 2.29 -7.77 6.43
C2 NAG I . 3.64 -7.15 6.02
C3 NAG I . 4.81 -8.06 6.41
C4 NAG I . 4.68 -8.61 7.84
C5 NAG I . 3.27 -9.13 8.11
C6 NAG I . 3.05 -9.54 9.55
C7 NAG I . 3.41 -5.72 4.09
C8 NAG I . 3.69 -5.54 2.61
N2 NAG I . 3.66 -6.93 4.59
O1 NAG I . 1.27 -6.86 6.21
O3 NAG I . 6.02 -7.33 6.29
O4 NAG I . 5.60 -9.70 8.03
O5 NAG I . 2.31 -8.10 7.81
O6 NAG I . 3.36 -8.48 10.44
O7 NAG I . 2.98 -4.79 4.76
C1 NAG I . 6.78 -9.38 8.69
C2 NAG I . 7.47 -10.69 9.13
C3 NAG I . 8.82 -10.37 9.79
C4 NAG I . 9.67 -9.46 8.91
C5 NAG I . 8.87 -8.22 8.50
C6 NAG I . 9.60 -7.31 7.53
C7 NAG I . 6.19 -12.62 9.84
C8 NAG I . 5.35 -13.28 10.91
N2 NAG I . 6.63 -11.39 10.09
O3 NAG I . 9.52 -11.58 10.03
O4 NAG I . 10.85 -9.06 9.62
O5 NAG I . 7.65 -8.62 7.87
O6 NAG I . 8.82 -6.17 7.23
O7 NAG I . 6.44 -13.22 8.80
C1 BMA I . 12.02 -9.09 8.88
C2 BMA I . 13.08 -8.22 9.55
C3 BMA I . 14.34 -8.22 8.69
C4 BMA I . 14.82 -9.63 8.39
C5 BMA I . 13.67 -10.50 7.85
C6 BMA I . 14.06 -11.97 7.81
O2 BMA I . 13.37 -8.73 10.86
O3 BMA I . 15.40 -7.52 9.37
O4 BMA I . 15.86 -9.57 7.43
O5 BMA I . 12.52 -10.41 8.72
O6 BMA I . 14.53 -12.36 9.11
C1 MAN I . 15.84 -6.36 8.72
C2 MAN I . 17.15 -5.87 9.38
C3 MAN I . 16.86 -5.40 10.81
C4 MAN I . 15.75 -4.33 10.80
C5 MAN I . 14.51 -4.90 10.09
C6 MAN I . 13.37 -3.90 9.96
O2 MAN I . 17.69 -4.81 8.61
O3 MAN I . 18.05 -4.85 11.35
O4 MAN I . 15.43 -3.98 12.14
O5 MAN I . 14.86 -5.32 8.76
O6 MAN I . 12.19 -4.54 9.47
C1 MAN I . 14.50 -13.74 9.33
C2 MAN I . 15.01 -14.02 10.74
C3 MAN I . 16.48 -13.60 10.84
C4 MAN I . 17.30 -14.34 9.78
C5 MAN I . 16.70 -14.13 8.39
C6 MAN I . 17.36 -15.00 7.34
O2 MAN I . 14.90 -15.40 11.03
O3 MAN I . 16.98 -13.90 12.13
O4 MAN I . 18.63 -13.86 9.79
O5 MAN I . 15.29 -14.46 8.38
O6 MAN I . 16.93 -16.35 7.45
C1 NAG J . 17.16 15.95 -27.99
C2 NAG J . 16.85 14.45 -27.92
C3 NAG J . 18.04 13.64 -28.46
C4 NAG J . 18.50 14.16 -29.83
C5 NAG J . 18.67 15.68 -29.81
C6 NAG J . 19.00 16.30 -31.16
C7 NAG J . 15.40 14.12 -26.00
C8 NAG J . 15.27 13.58 -24.58
N2 NAG J . 16.62 14.08 -26.53
O1 NAG J . 16.06 16.69 -27.59
O3 NAG J . 17.68 12.28 -28.55
O4 NAG J . 19.78 13.56 -30.16
O5 NAG J . 17.45 16.30 -29.35
O6 NAG J . 18.04 15.90 -32.14
O7 NAG J . 14.42 14.55 -26.60
C1 NAG J . 19.75 12.52 -31.09
C2 NAG J . 21.17 12.26 -31.58
C3 NAG J . 21.21 11.05 -32.54
C4 NAG J . 20.49 9.83 -31.94
C5 NAG J . 19.09 10.24 -31.46
C6 NAG J . 18.37 9.11 -30.73
C7 NAG J . 22.72 14.09 -31.87
C8 NAG J . 23.21 15.25 -32.74
N2 NAG J . 21.65 13.44 -32.29
O3 NAG J . 22.56 10.70 -32.79
O4 NAG J . 20.37 8.81 -32.95
O5 NAG J . 19.19 11.33 -30.53
O6 NAG J . 17.02 9.46 -30.46
O7 NAG J . 23.32 13.81 -30.83
C1 BMA J . 20.64 7.50 -32.50
C2 BMA J . 20.15 6.49 -33.53
C3 BMA J . 20.40 5.07 -33.01
C4 BMA J . 21.84 4.87 -32.53
C5 BMA J . 22.35 6.04 -31.66
C6 BMA J . 23.86 6.02 -31.52
O2 BMA J . 20.85 6.68 -34.75
O3 BMA J . 20.14 4.14 -34.08
O4 BMA J . 21.94 3.67 -31.77
O5 BMA J . 22.02 7.31 -32.26
O6 BMA J . 24.44 5.93 -32.84
C1 MAN J . 19.42 2.98 -33.75
C2 MAN J . 19.54 1.97 -34.90
C3 MAN J . 18.77 2.46 -36.12
C4 MAN J . 17.33 2.83 -35.76
C5 MAN J . 17.30 3.79 -34.57
C6 MAN J . 15.89 4.02 -34.07
O2 MAN J . 19.01 0.72 -34.48
O3 MAN J . 18.77 1.45 -37.13
O4 MAN J . 16.69 3.44 -36.88
O5 MAN J . 18.05 3.24 -33.46
O6 MAN J . 15.29 2.79 -33.66
C1 MAN J . 25.78 6.36 -32.90
C2 MAN J . 26.24 6.28 -34.35
C3 MAN J . 26.25 4.82 -34.81
C4 MAN J . 27.10 3.96 -33.87
C5 MAN J . 26.65 4.16 -32.42
C6 MAN J . 27.57 3.48 -31.42
O2 MAN J . 27.56 6.83 -34.46
O3 MAN J . 26.75 4.73 -36.14
O4 MAN J . 26.96 2.60 -34.23
O5 MAN J . 26.64 5.57 -32.08
O6 MAN J . 28.87 4.03 -31.45
C1 NAG K . 38.13 6.46 -4.66
C2 NAG K . 36.83 5.84 -4.15
C3 NAG K . 35.90 6.92 -3.60
C4 NAG K . 36.63 7.87 -2.63
C5 NAG K . 37.99 8.31 -3.18
C6 NAG K . 38.82 9.06 -2.15
C7 NAG K . 36.42 3.84 -5.45
C8 NAG K . 35.75 3.22 -6.67
N2 NAG K . 36.17 5.13 -5.24
O1 NAG K . 39.00 5.46 -5.09
O3 NAG K . 34.81 6.30 -2.94
O4 NAG K . 35.82 9.05 -2.42
O5 NAG K . 38.77 7.17 -3.60
O6 NAG K . 38.80 8.40 -0.89
O7 NAG K . 37.13 3.17 -4.72
C1 NAG K . 35.08 9.08 -1.25
C2 NAG K . 34.58 10.51 -1.01
C3 NAG K . 33.65 10.57 0.21
C4 NAG K . 32.57 9.48 0.16
C5 NAG K . 33.20 8.11 -0.09
C6 NAG K . 32.16 7.03 -0.28
C7 NAG K . 35.97 12.39 -1.61
C8 NAG K . 37.14 13.30 -1.26
N2 NAG K . 35.72 11.38 -0.79
O3 NAG K . 33.02 11.84 0.25
O4 NAG K . 31.87 9.46 1.41
O5 NAG K . 33.99 8.16 -1.29
O6 NAG K . 32.77 5.77 -0.58
O7 NAG K . 35.30 12.62 -2.63
C1 BMA K . 30.48 9.38 1.27
C2 BMA K . 29.87 8.93 2.59
C3 BMA K . 28.36 8.79 2.41
C4 BMA K . 27.75 10.08 1.86
C5 BMA K . 28.50 10.58 0.62
C6 BMA K . 28.09 11.98 0.24
O2 BMA K . 30.16 9.89 3.59
O3 BMA K . 27.74 8.46 3.65
O4 BMA K . 26.38 9.84 1.53
O5 BMA K . 29.92 10.62 0.88
O6 BMA K . 28.19 12.84 1.39
C1 MAN K . 27.12 7.20 3.69
C2 MAN K . 26.32 7.06 5.00
C3 MAN K . 27.25 6.95 6.20
C4 MAN K . 28.28 5.83 5.97
C5 MAN K . 29.01 6.06 4.65
C6 MAN K . 29.99 4.97 4.31
O2 MAN K . 25.50 5.89 4.92
O3 MAN K . 26.51 6.68 7.37
O4 MAN K . 29.21 5.80 7.05
O5 MAN K . 28.05 6.14 3.57
O6 MAN K . 30.88 5.37 3.26
C1 MAN K . 28.25 14.20 1.08
C2 MAN K . 28.41 14.98 2.38
C3 MAN K . 27.18 14.76 3.25
C4 MAN K . 25.92 15.21 2.48
C5 MAN K . 25.85 14.48 1.13
C6 MAN K . 24.73 15.04 0.26
O2 MAN K . 28.56 16.36 2.09
O3 MAN K . 27.30 15.51 4.46
O4 MAN K . 24.77 14.90 3.25
O5 MAN K . 27.08 14.64 0.40
O6 MAN K . 25.10 16.30 -0.30
C1 NAG L . 11.56 -25.63 -19.03
C2 NAG L . 11.70 -24.23 -19.66
C3 NAG L . 10.34 -23.57 -19.84
C4 NAG L . 9.33 -24.52 -20.52
C5 NAG L . 9.34 -25.89 -19.84
C6 NAG L . 8.46 -26.91 -20.54
C7 NAG L . 13.81 -23.28 -18.99
C8 NAG L . 14.54 -22.18 -18.22
N2 NAG L . 12.50 -23.39 -18.78
O1 NAG L . 12.79 -26.26 -19.01
O3 NAG L . 10.48 -22.40 -20.64
O4 NAG L . 8.00 -23.97 -20.39
O5 NAG L . 10.68 -26.42 -19.83
O6 NAG L . 8.81 -27.03 -21.91
O7 NAG L . 14.45 -24.02 -19.75
C1 NAG L . 7.49 -23.34 -21.52
C2 NAG L . 5.98 -23.15 -21.32
C3 NAG L . 5.36 -22.32 -22.45
C4 NAG L . 6.17 -21.04 -22.69
C5 NAG L . 7.65 -21.36 -22.88
C6 NAG L . 8.51 -20.12 -23.02
C7 NAG L . 4.66 -24.83 -20.20
C8 NAG L . 3.96 -26.19 -20.28
N2 NAG L . 5.33 -24.44 -21.28
O3 NAG L . 4.04 -21.98 -22.10
O4 NAG L . 5.67 -20.39 -23.88
O5 NAG L . 8.14 -22.08 -21.74
O6 NAG L . 9.85 -20.46 -23.36
O7 NAG L . 4.58 -24.16 -19.17
C1 BMA L . 5.54 -19.01 -23.77
C2 BMA L . 5.49 -18.39 -25.16
C3 BMA L . 5.41 -16.87 -25.03
C4 BMA L . 4.27 -16.44 -24.11
C5 BMA L . 4.26 -17.22 -22.79
C6 BMA L . 2.96 -17.05 -22.05
O2 BMA L . 4.34 -18.86 -25.85
O3 BMA L . 5.20 -16.29 -26.34
O4 BMA L . 4.36 -15.05 -23.83
O5 BMA L . 4.38 -18.64 -23.04
O6 BMA L . 1.88 -17.39 -22.94
C1 MAN L . 6.28 -15.58 -26.88
C2 MAN L . 5.80 -14.75 -28.07
C3 MAN L . 5.41 -15.68 -29.22
C4 MAN L . 6.58 -16.59 -29.57
C5 MAN L . 7.03 -17.37 -28.33
C6 MAN L . 8.26 -18.22 -28.56
O2 MAN L . 6.84 -13.88 -28.50
O3 MAN L . 5.03 -14.91 -30.35
O4 MAN L . 6.19 -17.51 -30.58
O5 MAN L . 7.35 -16.44 -27.27
O6 MAN L . 9.40 -17.42 -28.84
C1 MAN L . 0.67 -17.64 -22.30
C2 MAN L . -0.40 -17.95 -23.34
C3 MAN L . -0.63 -16.70 -24.21
C4 MAN L . -1.04 -15.54 -23.32
C5 MAN L . 0.02 -15.31 -22.22
C6 MAN L . -0.40 -14.27 -21.22
O2 MAN L . -1.61 -18.31 -22.69
O3 MAN L . -1.63 -16.96 -25.18
O4 MAN L . -1.17 -14.36 -24.10
O5 MAN L . 0.25 -16.54 -21.49
O6 MAN L . -1.44 -14.75 -20.39
C1 NAG M . -29.07 -17.49 35.92
C2 NAG M . -28.12 -18.50 35.26
C3 NAG M . -28.45 -18.66 33.78
C4 NAG M . -29.96 -18.90 33.55
C5 NAG M . -30.80 -17.90 34.35
C6 NAG M . -32.29 -18.22 34.30
C7 NAG M . -25.97 -18.57 36.36
C8 NAG M . -24.47 -18.34 36.22
N2 NAG M . -26.75 -18.05 35.41
O1 NAG M . -28.82 -17.41 37.27
O3 NAG M . -27.71 -19.74 33.24
O4 NAG M . -30.25 -18.76 32.15
O5 NAG M . -30.42 -17.91 35.74
O6 NAG M . -33.05 -17.20 34.94
O7 NAG M . -26.39 -19.24 37.30
C1 NAG M . -30.44 -19.93 31.42
C2 NAG M . -31.02 -19.58 30.04
C3 NAG M . -31.17 -20.84 29.18
C4 NAG M . -29.86 -21.65 29.15
C5 NAG M . -29.35 -21.92 30.57
C6 NAG M . -27.98 -22.58 30.58
C7 NAG M . -32.57 -17.79 29.63
C8 NAG M . -34.04 -17.39 29.52
N2 NAG M . -32.31 -18.96 30.22
O3 NAG M . -31.52 -20.48 27.86
O4 NAG M . -30.09 -22.91 28.48
O5 NAG M . -29.23 -20.67 31.28
O6 NAG M . -27.51 -22.78 31.90
O7 NAG M . -31.70 -17.04 29.19
C1 BMA M . -29.13 -23.24 27.52
C2 BMA M . -29.19 -24.74 27.23
C3 BMA M . -28.08 -25.10 26.24
C4 BMA M . -28.17 -24.24 24.99
C5 BMA M . -28.28 -22.74 25.32
C6 BMA M . -28.63 -21.90 24.11
O2 BMA M . -30.45 -25.06 26.67
O3 BMA M . -28.18 -26.48 25.88
O4 BMA M . -27.01 -24.44 24.19
O5 BMA M . -29.30 -22.52 26.31
O6 BMA M . -29.75 -22.49 23.41
C1 MAN M . -27.10 -27.28 26.29
C2 MAN M . -27.23 -28.68 25.67
C3 MAN M . -28.43 -29.42 26.29
C4 MAN M . -28.32 -29.42 27.83
C5 MAN M . -28.13 -27.99 28.35
C6 MAN M . -27.88 -27.94 29.84
O2 MAN M . -26.04 -29.41 25.90
O3 MAN M . -28.46 -30.75 25.81
O4 MAN M . -29.51 -29.96 28.37
O5 MAN M . -26.99 -27.38 27.70
O6 MAN M . -28.09 -26.64 30.36
C1 MAN M . -30.29 -21.63 22.46
C2 MAN M . -31.56 -22.26 21.86
C3 MAN M . -31.20 -23.47 21.00
C4 MAN M . -30.19 -23.06 19.93
C5 MAN M . -28.97 -22.42 20.59
C6 MAN M . -27.99 -21.88 19.56
O2 MAN M . -32.25 -21.30 21.07
O3 MAN M . -32.38 -23.99 20.39
O4 MAN M . -29.79 -24.21 19.19
O5 MAN M . -29.38 -21.30 21.41
O6 MAN M . -28.60 -20.90 18.74
C1 NAG N . 14.23 -27.66 39.23
C2 NAG N . 13.58 -26.47 38.54
C3 NAG N . 14.11 -26.28 37.12
C4 NAG N . 15.65 -26.39 37.04
C5 NAG N . 16.16 -27.59 37.84
C6 NAG N . 17.67 -27.65 37.92
C7 NAG N . 11.37 -26.18 39.46
C8 NAG N . 9.86 -26.23 39.24
N2 NAG N . 12.14 -26.65 38.49
O1 NAG N . 13.85 -27.69 40.56
O3 NAG N . 13.70 -25.01 36.64
O4 NAG N . 16.05 -26.55 35.67
O5 NAG N . 15.65 -27.53 39.18
O6 NAG N . 18.18 -26.59 38.72
O7 NAG N . 11.82 -25.72 40.51
C1 NAG N . 16.51 -25.41 35.03
C2 NAG N . 17.25 -25.83 33.75
C3 NAG N . 17.62 -24.64 32.87
C4 NAG N . 16.46 -23.64 32.72
C5 NAG N . 15.85 -23.31 34.08
C6 NAG N . 14.63 -22.42 33.99
C7 NAG N . 18.59 -27.83 33.89
C8 NAG N . 19.98 -28.43 34.06
N2 NAG N . 18.47 -26.53 34.12
O3 NAG N . 17.98 -25.12 31.58
O4 NAG N . 16.95 -22.44 32.12
O5 NAG N . 15.45 -24.52 34.72
O6 NAG N . 14.13 -22.09 35.29
O7 NAG N . 17.65 -28.55 33.56
C1 BMA N . 16.14 -21.94 31.10
C2 BMA N . 16.48 -20.47 30.83
C3 BMA N . 15.56 -19.94 29.75
C4 BMA N . 15.58 -20.81 28.49
C5 BMA N . 15.38 -22.30 28.84
C6 BMA N . 15.71 -23.17 27.66
O2 BMA N . 17.85 -20.35 30.44
O3 BMA N . 15.94 -18.60 29.37
O4 BMA N . 14.54 -20.39 27.62
O5 BMA N . 16.29 -22.68 29.89
O6 BMA N . 16.99 -22.78 27.12
C1 MAN N . 15.13 -17.60 29.90
C2 MAN N . 15.17 -16.39 28.98
C3 MAN N . 16.58 -15.80 28.96
C4 MAN N . 17.07 -15.50 30.39
C5 MAN N . 16.90 -16.73 31.29
C6 MAN N . 17.18 -16.45 32.75
O2 MAN N . 14.24 -15.40 29.43
O3 MAN N . 16.58 -14.59 28.20
O4 MAN N . 18.44 -15.13 30.36
O5 MAN N . 15.54 -17.21 31.20
O6 MAN N . 16.26 -15.51 33.28
C1 MAN N . 17.57 -23.75 26.31
C2 MAN N . 18.93 -23.26 25.83
C3 MAN N . 18.74 -22.04 24.94
C4 MAN N . 17.83 -22.41 23.76
C5 MAN N . 16.49 -22.98 24.28
C6 MAN N . 15.63 -23.53 23.16
O2 MAN N . 19.59 -24.28 25.11
O3 MAN N . 20.00 -21.60 24.46
O4 MAN N . 17.56 -21.25 22.98
O5 MAN N . 16.75 -24.08 25.19
O6 MAN N . 16.14 -24.76 22.66
C1 NAG O . -4.65 -43.73 17.96
C2 NAG O . -5.67 -42.73 18.52
C3 NAG O . -6.07 -43.11 19.95
C4 NAG O . -6.43 -44.61 20.08
C5 NAG O . -5.39 -45.50 19.36
C6 NAG O . -5.79 -46.96 19.30
C7 NAG O . -5.40 -40.54 17.54
C8 NAG O . -4.99 -39.09 17.77
N2 NAG O . -5.10 -41.39 18.51
O1 NAG O . -4.37 -43.42 16.64
O3 NAG O . -7.18 -42.32 20.36
O4 NAG O . -6.47 -44.98 21.46
O5 NAG O . -5.19 -45.05 18.01
O6 NAG O . -7.18 -47.10 18.99
O7 NAG O . -5.97 -40.86 16.50
C1 NAG O . -7.73 -45.06 22.05
C2 NAG O . -7.64 -45.82 23.39
C3 NAG O . -9.00 -45.83 24.10
C4 NAG O . -9.58 -44.41 24.20
C5 NAG O . -9.62 -43.77 22.81
C6 NAG O . -10.09 -42.33 22.84
C7 NAG O . -5.96 -47.55 23.37
C8 NAG O . -5.48 -48.83 22.71
N2 NAG O . -7.22 -47.18 23.15
O3 NAG O . -8.84 -46.36 25.41
O4 NAG O . -10.90 -44.48 24.74
O5 NAG O . -8.30 -43.76 22.25
O6 NAG O . -10.07 -41.75 21.55
O7 NAG O . -5.18 -46.90 24.07
C1 BMA O . -11.16 -43.52 25.73
C2 BMA O . -12.67 -43.35 25.88
C3 BMA O . -12.95 -42.29 26.93
C4 BMA O . -12.23 -42.59 28.24
C5 BMA O . -10.74 -42.89 28.01
C6 BMA O . -10.10 -43.47 29.26
O2 BMA O . -13.24 -44.59 26.29
O3 BMA O . -14.36 -42.21 27.18
O4 BMA O . -12.37 -41.49 29.13
O5 BMA O . -10.58 -43.87 26.97
O6 BMA O . -10.96 -44.49 29.78
C1 MAN O . -14.95 -41.01 26.82
C2 MAN O . -16.37 -40.95 27.40
C3 MAN O . -17.27 -41.98 26.71
C4 MAN O . -17.22 -41.83 25.18
C5 MAN O . -15.76 -41.85 24.71
C6 MAN O . -15.60 -41.59 23.22
O2 MAN O . -16.90 -39.64 27.22
O3 MAN O . -18.62 -41.82 27.16
O4 MAN O . -17.93 -42.89 24.57
O5 MAN O . -15.00 -40.84 25.40
O6 MAN O . -14.29 -41.92 22.78
C1 MAN O . -10.33 -45.41 30.62
C2 MAN O . -11.33 -46.50 31.00
C3 MAN O . -12.44 -45.89 31.83
C4 MAN O . -11.86 -45.17 33.06
C5 MAN O . -10.79 -44.16 32.63
C6 MAN O . -10.04 -43.59 33.82
O2 MAN O . -10.67 -47.51 31.74
O3 MAN O . -13.34 -46.91 32.26
O4 MAN O . -12.90 -44.50 33.75
O5 MAN O . -9.80 -44.80 31.79
O6 MAN O . -8.94 -44.42 34.18
C1 NAG P . -9.88 0.37 17.19
C2 NAG P . -8.81 -0.43 17.94
C3 NAG P . -8.78 0.00 19.42
C4 NAG P . -8.73 1.53 19.57
C5 NAG P . -9.76 2.22 18.68
C6 NAG P . -9.64 3.74 18.68
C7 NAG P . -8.57 -2.58 16.85
C8 NAG P . -8.73 -4.08 16.94
N2 NAG P . -9.09 -1.85 17.85
O1 NAG P . -9.85 0.06 15.85
O3 NAG P . -7.63 -0.57 20.03
O4 NAG P . -9.01 1.89 20.93
O5 NAG P . -9.60 1.77 17.32
O6 NAG P . -8.28 4.14 18.61
O7 NAG P . -8.00 -2.08 15.87
C1 NAG P . -7.92 2.24 21.72
C2 NAG P . -8.42 2.92 23.00
C3 NAG P . -7.27 3.18 23.99
C4 NAG P . -6.37 1.95 24.16
C5 NAG P . -5.95 1.41 22.79
C6 NAG P . -5.13 0.14 22.86
C7 NAG P . -10.33 4.39 22.84
C8 NAG P . -10.91 5.68 22.28
N2 NAG P . -9.03 4.19 22.66
O3 NAG P . -7.82 3.53 25.25
O4 NAG P . -5.20 2.32 24.90
O5 NAG P . -7.11 1.11 22.03
O6 NAG P . -4.70 -0.27 21.57
O7 NAG P . -11.05 3.60 23.44
C1 BMA P . -4.83 1.39 25.87
C2 BMA P . -3.38 1.60 26.27
C3 BMA P . -2.99 0.52 27.28
C4 BMA P . -3.99 0.44 28.45
C5 BMA P . -5.45 0.39 27.96
C6 BMA P . -6.41 0.62 29.09
O2 BMA P . -3.22 2.89 26.85
O3 BMA P . -1.69 0.80 27.81
O4 BMA P . -3.71 -0.75 29.19
O5 BMA P . -5.68 1.45 27.00
O6 BMA P . -6.06 1.84 29.77
C1 MAN P . -0.71 -0.15 27.50
C2 MAN P . 0.52 0.07 28.39
C3 MAN P . 1.17 1.41 28.02
C4 MAN P . 1.49 1.45 26.52
C5 MAN P . 0.22 1.15 25.71
C6 MAN P . 0.48 1.05 24.22
O2 MAN P . 1.44 -0.99 28.17
O3 MAN P . 2.36 1.58 28.77
O4 MAN P . 1.98 2.73 26.18
O5 MAN P . -0.35 -0.10 26.13
O6 MAN P . 1.26 -0.11 23.92
C1 MAN P . -7.15 2.41 30.46
C2 MAN P . -6.71 3.75 31.04
C3 MAN P . -5.59 3.50 32.05
C4 MAN P . -6.07 2.53 33.14
C5 MAN P . -6.65 1.25 32.52
C6 MAN P . -7.33 0.37 33.55
O2 MAN P . -7.83 4.36 31.70
O3 MAN P . -5.17 4.73 32.62
O4 MAN P . -4.98 2.20 33.98
O5 MAN P . -7.62 1.57 31.50
O6 MAN P . -8.61 0.89 33.91
C1 NAG Q . 1.27 30.54 -36.20
C2 NAG Q . 2.55 30.56 -35.37
C3 NAG Q . 3.18 31.96 -35.41
C4 NAG Q . 3.30 32.50 -36.85
C5 NAG Q . 1.99 32.31 -37.64
C6 NAG Q . 2.14 32.62 -39.11
C7 NAG Q . 2.17 28.94 -33.64
C8 NAG Q . 1.52 28.65 -32.29
N2 NAG Q . 2.26 30.20 -34.00
O1 NAG Q . 0.75 29.26 -36.24
O3 NAG Q . 4.48 31.89 -34.83
O4 NAG Q . 3.59 33.92 -36.80
O5 NAG Q . 1.56 30.93 -37.55
O6 NAG Q . 3.24 31.92 -39.68
O7 NAG Q . 2.58 28.01 -34.33
C1 NAG Q . 4.91 34.29 -36.96
C2 NAG Q . 4.96 35.81 -37.26
C3 NAG Q . 6.41 36.31 -37.35
C4 NAG Q . 7.26 35.83 -36.17
C5 NAG Q . 7.09 34.31 -35.97
C6 NAG Q . 7.80 33.79 -34.75
C7 NAG Q . 3.22 36.85 -38.56
C8 NAG Q . 2.83 37.41 -39.92
N2 NAG Q . 4.28 36.06 -38.51
O3 NAG Q . 6.40 37.73 -37.35
O4 NAG Q . 8.64 36.13 -36.40
O5 NAG Q . 5.71 33.99 -35.82
O6 NAG Q . 7.55 32.40 -34.55
O7 NAG Q . 2.55 37.14 -37.56
C1 BMA Q . 9.29 36.69 -35.30
C2 BMA Q . 10.80 36.54 -35.44
C3 BMA Q . 11.48 37.14 -34.21
C4 BMA Q . 11.02 38.57 -33.95
C5 BMA Q . 9.50 38.68 -33.93
C6 BMA Q . 9.03 40.11 -33.93
O2 BMA Q . 11.25 37.21 -36.62
O3 BMA Q . 12.91 37.14 -34.39
O4 BMA Q . 11.54 39.03 -32.71
O5 BMA Q . 8.94 38.06 -35.12
O6 BMA Q . 9.64 40.80 -35.05
C1 MAN Q . 13.60 36.22 -33.62
C2 MAN Q . 15.10 36.50 -33.66
C3 MAN Q . 15.65 36.24 -35.07
C4 MAN Q . 15.31 34.80 -35.50
C5 MAN Q . 13.79 34.58 -35.38
C6 MAN Q . 13.38 33.15 -35.68
O2 MAN Q . 15.76 35.67 -32.72
O3 MAN Q . 17.05 36.43 -35.07
O4 MAN Q . 15.73 34.59 -36.83
O5 MAN Q . 13.34 34.88 -34.04
O6 MAN Q . 12.01 32.94 -35.35
C1 MAN Q . 9.12 42.07 -35.26
C2 MAN Q . 9.84 42.70 -36.47
C3 MAN Q . 11.32 42.94 -36.11
C4 MAN Q . 11.40 43.82 -34.87
C5 MAN Q . 10.62 43.18 -33.72
C6 MAN Q . 10.57 44.08 -32.50
O2 MAN Q . 9.23 43.95 -36.79
O3 MAN Q . 11.98 43.56 -37.20
O4 MAN Q . 12.76 43.99 -34.50
O5 MAN Q . 9.26 42.92 -34.12
O6 MAN Q . 10.44 45.45 -32.86
C1 NAG R . 13.72 14.03 3.11
C2 NAG R . 12.70 15.14 2.84
C3 NAG R . 13.05 16.38 3.69
C4 NAG R . 13.30 16.02 5.17
C5 NAG R . 14.23 14.81 5.29
C6 NAG R . 14.39 14.31 6.71
C7 NAG R . 11.89 14.92 0.57
C8 NAG R . 11.90 15.46 -0.85
N2 NAG R . 12.73 15.50 1.43
O1 NAG R . 13.36 12.88 2.43
O3 NAG R . 11.97 17.32 3.62
O4 NAG R . 13.94 17.14 5.83
O5 NAG R . 13.72 13.72 4.51
O6 NAG R . 15.55 13.50 6.84
O7 NAG R . 11.15 13.98 0.88
C1 NAG R . 13.13 17.92 6.64
C2 NAG R . 14.03 18.82 7.51
C3 NAG R . 13.21 19.85 8.30
C4 NAG R . 12.18 20.55 7.43
C5 NAG R . 11.35 19.53 6.64
C6 NAG R . 10.37 20.16 5.67
C7 NAG R . 16.08 17.90 8.41
C8 NAG R . 16.74 16.98 9.42
N2 NAG R . 14.75 17.97 8.45
O3 NAG R . 14.10 20.83 8.84
O4 NAG R . 11.30 21.31 8.27
O5 NAG R . 12.24 18.71 5.87
O6 NAG R . 9.62 19.17 4.99
O7 NAG R . 16.77 18.54 7.60
C1 BMA R . 11.01 22.57 7.77
C2 BMA R . 9.76 23.12 8.43
C3 BMA R . 9.42 24.48 7.84
C4 BMA R . 10.61 25.43 7.86
C5 BMA R . 11.90 24.76 7.34
C6 BMA R . 13.12 25.59 7.65
O2 BMA R . 9.98 23.23 9.84
O3 BMA R . 8.35 25.05 8.62
O4 BMA R . 10.32 26.58 7.07
O5 BMA R . 12.08 23.48 7.97
O6 BMA R . 13.15 25.83 9.07
C1 MAN R . 7.22 25.41 7.90
C2 MAN R . 6.36 26.35 8.73
C3 MAN R . 5.81 25.60 9.95
C4 MAN R . 5.06 24.34 9.50
C5 MAN R . 5.92 23.47 8.57
C6 MAN R . 5.12 22.38 7.92
O2 MAN R . 5.28 26.84 7.94
O3 MAN R . 4.94 26.44 10.69
O4 MAN R . 4.69 23.57 10.64
O5 MAN R . 6.45 24.28 7.49
O6 MAN R . 4.19 22.91 6.99
C1 MAN R . 14.42 26.13 9.58
C2 MAN R . 14.32 26.36 11.08
C3 MAN R . 13.44 27.59 11.33
C4 MAN R . 14.00 28.81 10.61
C5 MAN R . 14.23 28.50 9.12
C6 MAN R . 15.00 29.60 8.40
O2 MAN R . 15.61 26.56 11.62
O3 MAN R . 13.33 27.85 12.73
O4 MAN R . 13.10 29.91 10.73
O5 MAN R . 15.01 27.29 8.97
O6 MAN R . 16.10 30.06 9.20
C1 NAG S . 33.27 34.45 -12.73
C2 NAG S . 32.01 34.34 -13.60
C3 NAG S . 31.98 32.99 -14.34
C4 NAG S . 33.33 32.66 -15.01
C5 NAG S . 34.50 32.91 -14.05
C6 NAG S . 35.87 32.74 -14.69
C7 NAG S . 30.14 35.58 -12.74
C8 NAG S . 28.74 35.52 -12.15
N2 NAG S . 30.84 34.46 -12.76
O1 NAG S . 33.34 35.72 -12.17
O3 NAG S . 30.98 33.03 -15.34
O4 NAG S . 33.33 31.27 -15.39
O5 NAG S . 34.43 34.25 -13.53
O6 NAG S . 35.80 32.82 -16.11
O7 NAG S . 30.57 36.65 -13.17
C1 NAG S . 33.12 30.98 -16.74
C2 NAG S . 33.44 29.50 -16.99
C3 NAG S . 33.16 29.10 -18.45
C4 NAG S . 31.74 29.52 -18.85
C5 NAG S . 31.52 31.00 -18.55
C6 NAG S . 30.09 31.44 -18.83
C7 NAG S . 35.18 28.31 -15.79
C8 NAG S . 36.60 27.78 -15.86
N2 NAG S . 34.83 29.24 -16.68
O3 NAG S . 33.30 27.71 -18.61
O4 NAG S . 31.54 29.27 -20.25
O5 NAG S . 31.79 31.28 -17.16
O6 NAG S . 29.87 32.78 -18.41
O7 NAG S . 34.40 27.88 -14.94
C1 BMA S . 30.34 28.66 -20.58
C2 BMA S . 30.02 28.89 -22.05
C3 BMA S . 28.67 28.28 -22.38
C4 BMA S . 28.63 26.80 -21.99
C5 BMA S . 29.07 26.60 -20.53
C6 BMA S . 29.27 25.15 -20.18
O2 BMA S . 31.03 28.30 -22.84
O3 BMA S . 28.40 28.41 -23.79
O4 BMA S . 27.30 26.31 -22.15
O5 BMA S . 30.34 27.27 -20.30
O6 BMA S . 30.17 24.54 -21.13
C1 MAN S . 27.33 29.24 -24.12
C2 MAN S . 27.03 29.12 -25.62
C3 MAN S . 28.13 29.82 -26.45
C4 MAN S . 28.35 31.26 -25.94
C5 MAN S . 28.63 31.24 -24.44
C6 MAN S . 28.76 32.64 -23.86
O2 MAN S . 25.78 29.72 -25.90
O3 MAN S . 27.75 29.85 -27.81
O4 MAN S . 29.44 31.84 -26.63
O5 MAN S . 27.55 30.59 -23.74
O6 MAN S . 29.48 32.62 -22.63
C1 MAN S . 30.62 23.27 -20.72
C2 MAN S . 31.67 22.77 -21.72
C3 MAN S . 31.01 22.52 -23.07
C4 MAN S . 29.87 21.52 -22.90
C5 MAN S . 28.87 22.03 -21.86
C6 MAN S . 27.79 21.01 -21.54
O2 MAN S . 32.24 21.55 -21.23
O3 MAN S . 31.96 22.01 -24.00
O4 MAN S . 29.19 21.35 -24.14
O5 MAN S . 29.56 22.31 -20.61
O6 MAN S . 28.34 19.85 -20.93
C1 NAG T . -9.14 47.94 -10.55
C2 NAG T . -8.46 46.79 -9.82
C3 NAG T . -9.28 45.49 -9.95
C4 NAG T . -10.78 45.72 -9.68
C5 NAG T . -11.30 46.97 -10.39
C6 NAG T . -12.73 47.31 -10.01
C7 NAG T . -6.07 47.15 -9.79
C8 NAG T . -4.71 46.73 -10.29
N2 NAG T . -7.13 46.59 -10.36
O1 NAG T . -8.47 49.12 -10.32
O3 NAG T . -8.76 44.54 -9.03
O4 NAG T . -11.53 44.59 -10.15
O5 NAG T . -10.48 48.10 -10.06
O6 NAG T . -12.79 47.76 -8.66
O7 NAG T . -6.17 48.00 -8.90
C1 NAG T . -11.94 43.68 -9.19
C2 NAG T . -13.01 42.76 -9.81
C3 NAG T . -13.38 41.61 -8.89
C4 NAG T . -12.14 40.93 -8.30
C5 NAG T . -11.19 41.96 -7.70
C6 NAG T . -9.88 41.36 -7.21
C7 NAG T . -14.62 43.76 -11.32
C8 NAG T . -15.99 44.41 -11.48
N2 NAG T . -14.21 43.54 -10.07
O3 NAG T . -14.13 40.65 -9.61
O4 NAG T . -12.55 40.02 -7.26
O5 NAG T . -10.84 42.92 -8.70
O6 NAG T . -9.07 42.34 -6.57
O7 NAG T . -13.96 43.46 -12.31
C1 BMA T . -11.90 38.79 -7.29
C2 BMA T . -12.03 38.13 -5.92
C3 BMA T . -11.30 36.79 -5.93
C4 BMA T . -11.72 35.92 -7.11
C5 BMA T . -11.70 36.69 -8.44
C6 BMA T . -12.42 35.92 -9.53
O2 BMA T . -13.42 37.93 -5.63
O3 BMA T . -11.58 36.09 -4.70
O4 BMA T . -10.83 34.81 -7.20
O5 BMA T . -12.41 37.94 -8.29
O6 BMA T . -13.71 35.54 -9.03
C1 MAN T . -10.51 36.06 -3.80
C2 MAN T . -10.61 34.80 -2.93
C3 MAN T . -11.87 34.88 -2.08
C4 MAN T . -11.88 36.17 -1.25
C5 MAN T . -11.63 37.40 -2.13
C6 MAN T . -11.37 38.63 -1.29
O2 MAN T . -9.46 34.71 -2.11
O3 MAN T . -11.91 33.76 -1.20
O4 MAN T . -13.13 36.30 -0.59
O5 MAN T . -10.47 37.21 -2.97
O6 MAN T . -12.58 39.34 -1.02
C1 MAN T . -14.64 35.23 -10.03
C2 MAN T . -15.97 34.88 -9.37
C3 MAN T . -15.78 33.60 -8.53
C4 MAN T . -15.25 32.47 -9.41
C5 MAN T . -13.97 32.92 -10.13
C6 MAN T . -13.48 31.89 -11.14
O2 MAN T . -16.94 34.67 -10.36
O3 MAN T . -17.02 33.22 -7.95
O4 MAN T . -14.97 31.33 -8.60
O5 MAN T . -14.20 34.14 -10.85
O6 MAN T . -14.33 31.84 -12.27
C1 NAG U . -36.04 0.68 13.82
C2 NAG U . -34.76 1.00 13.04
C3 NAG U . -33.53 0.99 13.96
C4 NAG U . -33.77 1.74 15.28
C5 NAG U . -35.13 1.41 15.89
C6 NAG U . -35.48 2.32 17.06
C7 NAG U . -35.04 0.26 10.76
C8 NAG U . -34.76 -0.79 9.69
N2 NAG U . -34.57 0.02 11.98
O1 NAG U . -37.14 0.83 13.00
O3 NAG U . -32.44 1.59 13.27
O4 NAG U . -32.75 1.38 16.22
O5 NAG U . -36.17 1.58 14.91
O6 NAG U . -36.52 1.76 17.84
O7 NAG U . -35.66 1.28 10.48
C1 NAG U . -31.71 2.30 16.38
C2 NAG U . -30.89 1.95 17.63
C3 NAG U . -29.67 2.88 17.77
C4 NAG U . -28.88 2.98 16.47
C5 NAG U . -29.81 3.31 15.30
C6 NAG U . -29.09 3.29 13.96
C7 NAG U . -32.00 1.07 19.60
C8 NAG U . -32.91 1.33 20.78
N2 NAG U . -31.73 2.10 18.81
O3 NAG U . -28.81 2.39 18.78
O4 NAG U . -27.90 4.02 16.59
O5 NAG U . -30.87 2.33 15.24
O6 NAG U . -30.01 3.42 12.88
O7 NAG U . -31.54 -0.06 19.42
C1 BMA U . -26.63 3.65 16.13
C2 BMA U . -25.80 4.90 15.88
C3 BMA U . -24.41 4.48 15.36
C4 BMA U . -23.75 3.44 16.27
C5 BMA U . -24.72 2.28 16.57
C6 BMA U . -24.19 1.38 17.66
O2 BMA U . -25.66 5.64 17.09
O3 BMA U . -23.56 5.63 15.26
O4 BMA U . -22.59 2.94 15.64
O5 BMA U . -25.98 2.79 17.04
O6 BMA U . -23.80 2.20 18.79
C1 MAN U . -23.18 5.96 13.95
C2 MAN U . -22.13 7.08 13.99
C3 MAN U . -22.77 8.40 14.44
C4 MAN U . -24.01 8.73 13.60
C5 MAN U . -24.96 7.52 13.63
C6 MAN U . -26.21 7.70 12.78
O2 MAN U . -21.58 7.24 12.69
O3 MAN U . -21.83 9.45 14.33
O4 MAN U . -24.66 9.87 14.12
O5 MAN U . -24.27 6.34 13.15
O6 MAN U . -27.15 6.67 13.04
C1 MAN U . -23.81 1.52 20.01
C2 MAN U . -23.52 2.52 21.13
C3 MAN U . -22.13 3.10 20.94
C4 MAN U . -21.07 1.99 20.85
C5 MAN U . -21.47 0.92 19.83
C6 MAN U . -20.59 -0.32 19.92
O2 MAN U . -23.62 1.87 22.39
O3 MAN U . -21.81 3.96 22.03
O4 MAN U . -19.82 2.54 20.48
O5 MAN U . -22.84 0.47 20.04
O6 MAN U . -21.01 -1.16 20.99
C1 NAG V . -19.70 -6.87 -26.53
C2 NAG V . -19.74 -7.91 -25.40
C3 NAG V . -18.36 -8.52 -25.18
C4 NAG V . -17.71 -8.98 -26.50
C5 NAG V . -17.81 -7.88 -27.56
C6 NAG V . -17.32 -8.33 -28.93
C7 NAG V . -21.47 -7.26 -23.83
C8 NAG V . -21.82 -6.68 -22.47
N2 NAG V . -20.18 -7.28 -24.17
O1 NAG V . -20.98 -6.43 -26.82
O3 NAG V . -18.46 -9.62 -24.29
O4 NAG V . -16.32 -9.28 -26.28
O5 NAG V . -19.18 -7.47 -27.71
O6 NAG V . -17.80 -9.64 -29.23
O7 NAG V . -22.36 -7.68 -24.56
C1 NAG V . -15.99 -10.62 -26.11
C2 NAG V . -14.46 -10.77 -26.23
C3 NAG V . -14.01 -12.20 -25.95
C4 NAG V . -14.63 -12.73 -24.66
C5 NAG V . -16.14 -12.53 -24.66
C6 NAG V . -16.80 -12.93 -23.36
C7 NAG V . -13.07 -9.47 -27.73
C8 NAG V . -12.44 -9.38 -29.12
N2 NAG V . -14.03 -10.39 -27.56
O3 NAG V . -12.60 -12.22 -25.83
O4 NAG V . -14.35 -14.14 -24.53
O5 NAG V . -16.44 -11.14 -24.87
O6 NAG V . -18.22 -12.84 -23.44
O7 NAG V . -12.68 -8.74 -26.83
C1 BMA V . -13.97 -14.55 -23.26
C2 BMA V . -14.15 -16.05 -23.11
C3 BMA V . -13.79 -16.49 -21.70
C4 BMA V . -12.40 -15.97 -21.29
C5 BMA V . -12.21 -14.48 -21.62
C6 BMA V . -10.75 -14.08 -21.52
O2 BMA V . -13.33 -16.72 -24.05
O3 BMA V . -13.78 -17.92 -21.63
O4 BMA V . -12.22 -16.17 -19.89
O5 BMA V . -12.62 -14.20 -22.97
O6 BMA V . -9.97 -15.03 -22.26
C1 MAN V . -14.79 -18.50 -20.87
C2 MAN V . -14.51 -20.00 -20.67
C3 MAN V . -14.60 -20.72 -22.02
C4 MAN V . -15.97 -20.48 -22.63
C5 MAN V . -16.22 -18.97 -22.76
C6 MAN V . -17.62 -18.65 -23.25
O2 MAN V . -15.45 -20.55 -19.77
O3 MAN V . -14.37 -22.11 -21.84
O4 MAN V . -16.03 -21.09 -23.92
O5 MAN V . -16.07 -18.34 -21.47
O6 MAN V . -18.60 -19.24 -22.40
C1 MAN V . -8.71 -14.57 -22.62
C2 MAN V . -8.01 -15.61 -23.49
C3 MAN V . -7.76 -16.88 -22.67
C4 MAN V . -6.95 -16.54 -21.42
C5 MAN V . -7.65 -15.43 -20.62
C6 MAN V . -6.84 -14.94 -19.44
O2 MAN V . -6.79 -15.09 -23.97
O3 MAN V . -7.08 -17.85 -23.45
O4 MAN V . -6.84 -17.70 -20.59
O5 MAN V . -7.90 -14.28 -21.48
O6 MAN V . -5.68 -14.25 -19.86
C1 NAG W . -1.78 8.80 -4.81
C2 NAG W . -3.03 8.45 -3.99
C3 NAG W . -4.22 9.32 -4.43
C4 NAG W . -3.84 10.82 -4.53
C5 NAG W . -2.52 10.99 -5.29
C6 NAG W . -2.02 12.43 -5.28
C7 NAG W . -3.01 6.14 -3.29
C8 NAG W . -3.57 4.75 -3.47
N2 NAG W . -3.38 7.06 -4.18
O1 NAG W . -0.69 8.10 -4.32
O3 NAG W . -5.28 9.17 -3.49
O4 NAG W . -4.87 11.53 -5.24
O5 NAG W . -1.50 10.19 -4.68
O6 NAG W . -1.85 12.90 -3.95
O7 NAG W . -2.24 6.38 -2.36
C1 NAG W . -5.76 12.23 -4.44
C2 NAG W . -6.54 13.22 -5.32
C3 NAG W . -7.62 13.94 -4.51
C4 NAG W . -8.47 12.96 -3.69
C5 NAG W . -7.56 12.05 -2.87
C6 NAG W . -8.32 10.97 -2.11
C7 NAG W . -5.43 14.31 -7.18
C8 NAG W . -4.49 15.41 -7.65
N2 NAG W . -5.62 14.20 -5.86
O3 NAG W . -8.47 14.65 -5.40
O4 NAG W . -9.33 13.71 -2.80
O5 NAG W . -6.65 11.38 -3.75
O6 NAG W . -7.43 10.11 -1.42
O7 NAG W . -5.96 13.56 -8.01
C1 BMA W . -10.65 13.25 -2.81
C2 BMA W . -11.36 13.77 -1.57
C3 BMA W . -12.80 13.22 -1.56
C4 BMA W . -13.51 13.54 -2.86
C5 BMA W . -12.68 13.13 -4.08
C6 BMA W . -13.27 13.65 -5.37
O2 BMA W . -11.40 15.18 -1.59
O3 BMA W . -13.53 13.77 -0.46
O4 BMA W . -14.76 12.86 -2.89
O5 BMA W . -11.35 13.67 -3.98
O6 BMA W . -13.46 15.06 -5.24
C1 MAN W . -13.98 12.85 0.49
C2 MAN W . -14.97 13.53 1.43
C3 MAN W . -14.25 14.62 2.25
C4 MAN W . -13.04 14.02 2.98
C5 MAN W . -12.14 13.29 1.98
C6 MAN W . -10.97 12.57 2.62
O2 MAN W . -15.53 12.57 2.31
O3 MAN W . -15.16 15.15 3.20
O4 MAN W . -12.31 15.06 3.61
O5 MAN W . -12.91 12.30 1.26
O6 MAN W . -9.94 12.34 1.66
C1 MAN W . -13.60 15.71 -6.47
C2 MAN W . -13.72 17.22 -6.24
C3 MAN W . -15.02 17.51 -5.48
C4 MAN W . -16.22 16.91 -6.20
C5 MAN W . -16.00 15.42 -6.51
C6 MAN W . -17.06 14.88 -7.43
O2 MAN W . -13.74 17.88 -7.49
O3 MAN W . -15.20 18.91 -5.36
O4 MAN W . -17.38 17.03 -5.38
O5 MAN W . -14.74 15.24 -7.20
O6 MAN W . -16.82 15.26 -8.78
C1 NAG X . -20.94 -28.04 11.10
C2 NAG X . -20.88 -27.57 9.65
C3 NAG X . -22.29 -27.58 9.04
C4 NAG X . -23.02 -28.91 9.29
C5 NAG X . -22.90 -29.35 10.75
C6 NAG X . -23.44 -30.74 11.00
C7 NAG X . -19.02 -26.06 9.35
C8 NAG X . -18.53 -24.63 9.11
N2 NAG X . -20.32 -26.23 9.58
O1 NAG X . -19.65 -28.11 11.62
O3 NAG X . -22.19 -27.36 7.63
O4 NAG X . -24.41 -28.76 8.97
O5 NAG X . -21.51 -29.35 11.16
O6 NAG X . -22.88 -31.68 10.09
O7 NAG X . -18.21 -26.99 9.33
C1 NAG X . -24.84 -29.31 7.76
C2 NAG X . -26.38 -29.32 7.73
C3 NAG X . -26.90 -29.84 6.39
C4 NAG X . -26.25 -29.08 5.23
C5 NAG X . -24.73 -29.12 5.36
C6 NAG X . -24.01 -28.31 4.30
C7 NAG X . -27.81 -29.70 9.66
C8 NAG X . -28.64 -30.75 10.39
N2 NAG X . -26.88 -30.15 8.81
O3 NAG X . -28.31 -29.67 6.32
O4 NAG X . -26.65 -29.65 3.97
O5 NAG X . -24.32 -28.60 6.64
O6 NAG X . -22.60 -28.33 4.49
O7 NAG X . -28.03 -28.50 9.86
C1 BMA X . -27.00 -28.71 3.00
C2 BMA X . -26.96 -29.36 1.63
C3 BMA X . -27.28 -28.31 0.55
C4 BMA X . -28.59 -27.61 0.85
C5 BMA X . -28.66 -27.11 2.31
C6 BMA X . -30.07 -26.70 2.67
O2 BMA X . -27.91 -30.41 1.57
O3 BMA X . -27.38 -28.97 -0.72
O4 BMA X . -28.76 -26.52 -0.03
O5 BMA X . -28.29 -28.15 3.23
O6 BMA X . -30.99 -27.74 2.25
C1 MAN X . -26.39 -28.69 -1.67
C2 MAN X . -26.84 -29.17 -3.05
C3 MAN X . -26.92 -30.69 -3.08
C4 MAN X . -25.60 -31.31 -2.63
C5 MAN X . -25.15 -30.73 -1.28
C6 MAN X . -23.73 -31.16 -0.93
O2 MAN X . -25.92 -28.71 -4.03
O3 MAN X . -27.23 -31.13 -4.38
O4 MAN X . -25.74 -32.72 -2.51
O5 MAN X . -25.14 -29.28 -1.32
O6 MAN X . -22.82 -30.69 -1.91
C1 MAN X . -32.28 -27.58 2.78
C2 MAN X . -33.14 -28.78 2.40
C3 MAN X . -33.38 -28.79 0.89
C4 MAN X . -34.00 -27.47 0.46
C5 MAN X . -33.13 -26.28 0.92
C6 MAN X . -33.81 -24.95 0.66
O2 MAN X . -34.37 -28.72 3.09
O3 MAN X . -34.25 -29.85 0.55
O4 MAN X . -34.11 -27.44 -0.96
O5 MAN X . -32.90 -26.37 2.35
O6 MAN X . -34.98 -24.80 1.45
C1 EDO Y . 18.33 2.15 -30.23
O1 EDO Y . 17.07 1.96 -30.89
C2 EDO Y . 18.75 0.85 -29.51
O2 EDO Y . 17.75 -0.17 -29.69
C1 EDO Z . 17.01 -6.01 4.28
O1 EDO Z . 18.17 -5.39 3.74
C2 EDO Z . 16.34 -5.09 5.32
O2 EDO Z . 17.06 -3.86 5.47
C1 EDO AA . 21.16 -3.57 2.33
O1 EDO AA . 22.37 -4.03 1.71
C2 EDO AA . 20.86 -2.13 1.86
O2 EDO AA . 21.86 -1.67 0.94
C1 EDO BA . 20.75 -5.08 -10.33
O1 EDO BA . 20.02 -5.55 -11.46
C2 EDO BA . 20.56 -3.55 -10.16
O2 EDO BA . 19.70 -3.01 -11.18
C1 EDO CA . 10.53 10.10 -7.05
O1 EDO CA . 10.73 8.69 -6.98
C2 EDO CA . 10.31 10.54 -8.51
O2 EDO CA . 10.35 9.42 -9.41
C1 EDO DA . 14.92 -1.11 -9.02
O1 EDO DA . 15.13 -2.08 -10.05
C2 EDO DA . 14.66 0.28 -9.63
O2 EDO DA . 14.70 0.23 -11.07
C1 EDO EA . 8.24 -13.17 -24.81
O1 EDO EA . 8.46 -13.00 -26.21
C2 EDO EA . 8.16 -11.80 -24.10
O2 EDO EA . 8.33 -10.72 -25.04
C1 EDO FA . 11.23 -17.85 29.52
O1 EDO FA . 11.75 -16.59 29.95
C2 EDO FA . 10.18 -17.65 28.41
O2 EDO FA . 10.02 -16.26 28.09
C1 EDO GA . -8.17 -22.81 23.30
O1 EDO GA . -7.37 -21.65 23.53
C2 EDO GA . -7.86 -23.89 24.36
O2 EDO GA . -6.87 -23.44 25.30
C1 EDO HA . -1.41 -4.90 28.51
O1 EDO HA . -0.14 -5.51 28.74
C2 EDO HA . -1.26 -3.72 27.53
O2 EDO HA . 0.10 -3.56 27.12
C1 EDO IA . -13.34 -36.71 28.06
O1 EDO IA . -14.25 -35.66 28.36
C2 EDO IA . -13.84 -37.51 26.84
O2 EDO IA . -15.08 -36.96 26.35
C1 EDO JA . -9.39 -22.61 30.49
O1 EDO JA . -8.61 -21.81 29.60
C2 EDO JA . -8.51 -23.11 31.66
O2 EDO JA . -7.16 -22.62 31.52
P PO4 KA . 9.90 20.12 11.67
O1 PO4 KA . 9.85 18.70 11.20
O2 PO4 KA . 9.60 20.17 13.12
O3 PO4 KA . 11.25 20.66 11.41
O4 PO4 KA . 8.89 20.92 10.92
C1 EDO LA . 16.03 20.61 12.99
O1 EDO LA . 15.64 21.89 12.50
C2 EDO LA . 16.35 19.68 11.80
O2 EDO LA . 16.16 20.36 10.55
C1 EDO MA . 7.00 26.35 4.29
O1 EDO MA . 5.65 26.23 4.75
C2 EDO MA . 7.19 27.67 3.52
O2 EDO MA . 5.97 28.42 3.47
C1 EDO NA . 11.51 35.72 -14.21
O1 EDO NA . 10.40 35.68 -13.32
C2 EDO NA . 12.14 34.31 -14.36
O2 EDO NA . 11.42 33.33 -13.58
C1 EDO OA . -7.01 35.17 -4.98
O1 EDO OA . -7.18 35.11 -3.57
C2 EDO OA . -6.16 33.97 -5.49
O2 EDO OA . -5.76 33.12 -4.40
C1 EDO PA . 20.83 14.99 -5.26
O1 EDO PA . 21.28 15.92 -6.24
C2 EDO PA . 20.65 15.69 -3.91
O2 EDO PA . 21.00 17.07 -4.00
C1 EDO QA . 9.33 29.37 -16.67
O1 EDO QA . 8.56 30.21 -15.81
C2 EDO QA . 9.50 27.96 -16.07
O2 EDO QA . 8.83 27.86 -14.80
P PO4 RA . -10.24 -21.72 -13.91
O1 PO4 RA . -9.74 -20.37 -13.52
O2 PO4 RA . -11.54 -21.98 -13.24
O3 PO4 RA . -10.41 -21.78 -15.38
O4 PO4 RA . -9.26 -22.75 -13.49
C1 EDO SA . -1.69 -8.05 5.70
O1 EDO SA . -1.61 -7.13 6.79
C2 EDO SA . -2.90 -7.72 4.80
O2 EDO SA . -3.63 -6.59 5.30
C1 EDO TA . -6.93 -8.72 -1.67
O1 EDO TA . -6.19 -9.80 -1.11
C2 EDO TA . -8.25 -9.23 -2.28
O2 EDO TA . -8.37 -10.66 -2.09
C1 EDO UA . -16.50 -5.54 -0.05
O1 EDO UA . -17.05 -6.12 -1.23
C2 EDO UA . -16.19 -6.64 1.00
O2 EDO UA . -16.54 -7.95 0.52
C1 EDO VA . -12.97 -21.09 -17.33
O1 EDO VA . -14.23 -21.68 -17.64
C2 EDO VA . -13.09 -20.19 -16.09
O2 EDO VA . -14.44 -20.18 -15.58
C1 EDO WA . -9.97 -9.78 9.80
O1 EDO WA . -10.32 -10.25 8.51
C2 EDO WA . -9.93 -8.23 9.81
O2 EDO WA . -10.26 -7.69 8.52
C1 EDO XA . -15.65 -17.20 -17.73
O1 EDO XA . -16.64 -18.22 -17.83
C2 EDO XA . -15.34 -16.88 -16.25
O2 EDO XA . -16.15 -17.70 -15.39
C1 EDO YA . -22.42 -4.57 -1.50
O1 EDO YA . -21.94 -5.91 -1.49
C2 EDO YA . -22.97 -4.20 -2.90
O2 EDO YA . -22.84 -5.30 -3.82
C1 EDO ZA . -24.52 -25.18 -2.36
O1 EDO ZA . -23.66 -25.80 -3.33
C2 EDO ZA . -25.35 -24.05 -3.01
O2 EDO ZA . -25.03 -23.93 -4.42
#